data_3PZL
#
_entry.id   3PZL
#
_cell.length_a   95.139
_cell.length_b   95.139
_cell.length_c   198.375
_cell.angle_alpha   90.00
_cell.angle_beta   90.00
_cell.angle_gamma   120.00
#
_symmetry.space_group_name_H-M   'P 32 2 1'
#
loop_
_entity.id
_entity.type
_entity.pdbx_description
1 polymer 'Agmatine ureohydrolase'
2 non-polymer 'MANGANESE (II) ION'
3 water water
#
_entity_poly.entity_id   1
_entity_poly.type   'polypeptide(L)'
_entity_poly.pdbx_seq_one_letter_code
;(MSE)SLGGNGREKDHASELRSIFSLKKIADAVNGYEEAKYVVFGIPFDNTSSYRRGSKYAPDSIRGAYVNLESYEYSYG
IDLLASG(MSE)ADLGD(MSE)EESEDVEYVIDTVESVVSAV(MSE)SDGKIPI(MSE)LGGEHSITVGAVRALPKDVDL
VIVDAHSDFRSSY(MSE)GNKYNHACVTRRALDLLGEGRITSIGIRSVSREEFEDPDFRKVSFISSFDVKKNGIDKYIEE
VDRKSRRVYISVD(MSE)DGIDPAYAPAVGTPEPFGLADTDVRRLIERLSYKAVGFDIVEFSPLYDNGNTS(MSE)LAAK
LLQVFIASREKYYKEHIEGHHHHHH
;
_entity_poly.pdbx_strand_id   A,B,C
#
# COMPACT_ATOMS: atom_id res chain seq x y z
N ALA A 13 36.23 -28.92 -15.68
CA ALA A 13 35.23 -28.60 -16.71
C ALA A 13 33.83 -28.96 -16.24
N SER A 14 33.73 -30.09 -15.57
CA SER A 14 32.48 -30.49 -14.94
C SER A 14 32.50 -29.98 -13.51
N GLU A 15 33.72 -29.89 -12.96
CA GLU A 15 33.96 -29.25 -11.67
C GLU A 15 33.53 -27.78 -11.73
N LEU A 16 33.50 -27.24 -12.94
CA LEU A 16 33.02 -25.88 -13.20
C LEU A 16 31.49 -25.77 -13.28
N ARG A 17 30.85 -26.75 -13.92
CA ARG A 17 29.39 -26.80 -13.99
C ARG A 17 28.88 -27.03 -12.59
N SER A 18 29.75 -27.53 -11.73
CA SER A 18 29.41 -27.84 -10.37
C SER A 18 29.49 -26.61 -9.51
N ILE A 19 30.24 -25.61 -9.96
CA ILE A 19 30.44 -24.37 -9.20
C ILE A 19 29.59 -23.21 -9.74
N PHE A 20 29.42 -23.17 -11.06
CA PHE A 20 28.68 -22.10 -11.70
C PHE A 20 27.39 -22.62 -12.27
N SER A 21 26.39 -21.74 -12.29
CA SER A 21 25.08 -22.07 -12.81
C SER A 21 24.37 -20.82 -13.29
N LEU A 22 23.49 -20.96 -14.27
CA LEU A 22 22.77 -19.81 -14.76
C LEU A 22 21.54 -19.55 -13.88
N LYS A 23 20.97 -18.34 -14.01
CA LYS A 23 19.83 -17.90 -13.16
C LYS A 23 18.58 -18.73 -13.37
N LYS A 24 17.96 -19.10 -12.26
CA LYS A 24 16.85 -20.04 -12.23
C LYS A 24 15.95 -19.72 -11.01
N ILE A 25 14.73 -20.23 -11.01
CA ILE A 25 14.02 -20.32 -9.76
C ILE A 25 14.74 -21.32 -8.85
N ALA A 26 15.07 -20.88 -7.63
CA ALA A 26 15.96 -21.65 -6.71
C ALA A 26 15.58 -23.10 -6.49
N ASP A 27 14.29 -23.38 -6.37
CA ASP A 27 13.84 -24.72 -6.08
C ASP A 27 13.57 -25.58 -7.31
N ALA A 28 13.80 -25.04 -8.49
CA ALA A 28 13.55 -25.80 -9.70
C ALA A 28 14.77 -26.63 -10.02
N VAL A 29 14.97 -27.65 -9.20
CA VAL A 29 16.18 -28.46 -9.27
C VAL A 29 16.02 -29.52 -10.34
N ASN A 30 14.81 -30.04 -10.45
CA ASN A 30 14.53 -31.12 -11.38
C ASN A 30 14.51 -30.63 -12.83
N GLY A 31 15.05 -31.45 -13.74
CA GLY A 31 14.92 -31.21 -15.18
C GLY A 31 13.49 -31.50 -15.65
N TYR A 32 13.20 -31.23 -16.92
CA TYR A 32 11.84 -31.43 -17.47
C TYR A 32 11.25 -32.82 -17.29
N GLU A 33 12.11 -33.82 -17.52
CA GLU A 33 11.72 -35.23 -17.53
C GLU A 33 11.06 -35.68 -16.23
N GLU A 34 11.42 -35.04 -15.11
CA GLU A 34 11.05 -35.52 -13.79
C GLU A 34 10.13 -34.56 -13.10
N ALA A 35 9.73 -33.52 -13.82
CA ALA A 35 9.05 -32.45 -13.17
C ALA A 35 7.57 -32.70 -13.19
N LYS A 36 6.93 -32.41 -12.07
CA LYS A 36 5.48 -32.36 -12.04
C LYS A 36 5.06 -30.96 -12.45
N TYR A 37 5.86 -29.96 -12.06
CA TYR A 37 5.59 -28.54 -12.32
C TYR A 37 6.65 -27.92 -13.22
N VAL A 38 6.21 -27.31 -14.34
CA VAL A 38 7.13 -26.81 -15.33
C VAL A 38 6.96 -25.31 -15.47
N VAL A 39 7.89 -24.57 -14.86
CA VAL A 39 7.87 -23.11 -14.90
C VAL A 39 8.62 -22.62 -16.12
N PHE A 40 8.02 -21.70 -16.87
CA PHE A 40 8.71 -21.14 -18.02
C PHE A 40 8.32 -19.66 -18.15
N GLY A 41 9.02 -18.92 -19.01
CA GLY A 41 8.83 -17.48 -19.10
C GLY A 41 8.59 -16.98 -20.51
N ILE A 42 7.67 -16.02 -20.65
CA ILE A 42 7.35 -15.51 -21.96
C ILE A 42 7.42 -14.01 -21.99
N PRO A 43 8.58 -13.50 -22.43
CA PRO A 43 8.95 -12.08 -22.37
C PRO A 43 8.20 -11.19 -23.37
N PHE A 44 6.87 -11.19 -23.37
CA PHE A 44 6.12 -10.40 -24.33
C PHE A 44 5.41 -9.19 -23.74
N ASP A 45 5.49 -8.09 -24.47
CA ASP A 45 5.21 -6.80 -23.95
C ASP A 45 4.47 -5.99 -25.02
N ASN A 46 4.64 -6.39 -26.27
CA ASN A 46 4.38 -5.50 -27.40
C ASN A 46 2.95 -5.03 -27.76
N THR A 47 1.97 -5.10 -26.87
CA THR A 47 0.70 -4.43 -27.13
C THR A 47 0.31 -3.50 -25.96
N SER A 48 1.21 -3.39 -24.99
CA SER A 48 0.92 -2.66 -23.77
C SER A 48 1.18 -1.18 -24.00
N SER A 49 0.18 -0.36 -23.75
CA SER A 49 0.36 1.02 -24.07
C SER A 49 0.74 1.94 -22.88
N TYR A 50 0.25 1.64 -21.69
CA TYR A 50 0.50 2.54 -20.57
C TYR A 50 1.91 2.43 -19.93
N ARG A 51 2.14 1.41 -19.10
CA ARG A 51 3.49 1.14 -18.62
C ARG A 51 4.09 -0.04 -19.35
N ARG A 52 5.38 0.03 -19.59
CA ARG A 52 6.08 -1.05 -20.23
C ARG A 52 7.11 -1.66 -19.27
N GLY A 53 7.55 -2.89 -19.56
CA GLY A 53 8.50 -3.58 -18.67
C GLY A 53 8.10 -4.99 -18.29
N SER A 54 6.86 -5.37 -18.53
CA SER A 54 6.48 -6.76 -18.36
C SER A 54 7.42 -7.73 -19.02
N LYS A 55 8.08 -7.32 -20.12
CA LYS A 55 9.09 -8.15 -20.76
C LYS A 55 9.98 -8.75 -19.68
N TYR A 56 10.33 -7.95 -18.68
CA TYR A 56 11.36 -8.32 -17.70
C TYR A 56 10.79 -8.99 -16.46
N ALA A 57 9.52 -9.38 -16.51
CA ALA A 57 8.88 -9.86 -15.29
C ALA A 57 9.42 -11.24 -14.85
N PRO A 58 9.54 -12.20 -15.77
CA PRO A 58 10.00 -13.52 -15.36
C PRO A 58 11.34 -13.46 -14.66
N ASP A 59 12.27 -12.73 -15.24
CA ASP A 59 13.61 -12.60 -14.72
C ASP A 59 13.59 -12.01 -13.28
N SER A 60 12.73 -11.04 -13.05
CA SER A 60 12.76 -10.37 -11.80
C SER A 60 12.13 -11.26 -10.73
N ILE A 61 11.23 -12.16 -11.16
CA ILE A 61 10.63 -13.16 -10.28
C ILE A 61 11.65 -14.22 -9.88
N ARG A 62 12.51 -14.59 -10.82
CA ARG A 62 13.65 -15.41 -10.46
C ARG A 62 14.50 -14.70 -9.41
N GLY A 63 14.60 -13.39 -9.52
CA GLY A 63 15.39 -12.56 -8.60
C GLY A 63 14.81 -12.52 -7.19
N ALA A 64 13.57 -12.07 -7.06
CA ALA A 64 12.80 -12.12 -5.83
C ALA A 64 12.81 -13.45 -5.05
N TYR A 65 12.74 -14.55 -5.79
CA TYR A 65 12.58 -15.89 -5.23
C TYR A 65 13.65 -16.28 -4.23
N VAL A 66 14.89 -15.83 -4.44
CA VAL A 66 15.96 -16.16 -3.46
C VAL A 66 15.61 -15.77 -2.01
N ASN A 67 15.07 -14.57 -1.80
CA ASN A 67 14.57 -14.16 -0.47
C ASN A 67 13.53 -15.11 0.16
N LEU A 68 12.93 -16.00 -0.63
CA LEU A 68 11.92 -16.91 -0.13
C LEU A 68 12.49 -18.23 0.42
N GLU A 69 11.78 -18.83 1.39
CA GLU A 69 12.19 -20.13 1.97
C GLU A 69 11.80 -21.28 1.07
N SER A 70 12.63 -22.31 1.01
CA SER A 70 12.32 -23.52 0.27
C SER A 70 11.23 -24.35 0.92
N TYR A 71 10.75 -23.90 2.06
CA TYR A 71 9.68 -24.59 2.75
C TYR A 71 8.51 -23.64 3.00
N GLU A 72 7.32 -24.13 2.74
CA GLU A 72 6.13 -23.35 2.95
C GLU A 72 5.47 -23.67 4.30
N TYR A 73 5.35 -22.66 5.15
CA TYR A 73 5.02 -22.85 6.54
C TYR A 73 3.53 -23.06 6.74
N SER A 74 2.73 -22.30 6.00
CA SER A 74 1.28 -22.41 6.06
C SER A 74 0.74 -23.74 5.57
N TYR A 75 1.43 -24.39 4.63
CA TYR A 75 0.94 -25.63 4.03
C TYR A 75 1.76 -26.84 4.41
N GLY A 76 2.88 -26.58 5.07
CA GLY A 76 3.80 -27.63 5.45
C GLY A 76 4.35 -28.40 4.27
N ILE A 77 4.76 -27.70 3.24
CA ILE A 77 5.34 -28.37 2.11
C ILE A 77 6.76 -27.87 1.85
N ASP A 78 7.64 -28.78 1.44
CA ASP A 78 8.98 -28.41 1.02
C ASP A 78 9.05 -28.42 -0.48
N LEU A 79 9.18 -27.22 -1.08
CA LEU A 79 9.16 -27.08 -2.54
C LEU A 79 10.32 -27.79 -3.24
N LEU A 80 11.41 -28.01 -2.51
CA LEU A 80 12.54 -28.77 -3.04
C LEU A 80 12.16 -30.20 -3.40
N ALA A 81 11.08 -30.70 -2.81
CA ALA A 81 10.66 -32.08 -3.04
C ALA A 81 9.32 -32.12 -3.78
N SER A 82 8.98 -31.01 -4.43
CA SER A 82 7.73 -30.86 -5.17
C SER A 82 7.86 -31.11 -6.65
N GLY A 83 9.10 -31.17 -7.12
CA GLY A 83 9.35 -31.58 -8.49
C GLY A 83 9.11 -30.47 -9.50
N ALA A 85 10.60 -27.72 -12.36
CA ALA A 85 11.66 -27.39 -13.29
C ALA A 85 11.48 -25.98 -13.77
N ASP A 86 12.56 -25.36 -14.22
CA ASP A 86 12.54 -24.07 -14.88
C ASP A 86 13.33 -24.13 -16.18
N LEU A 87 12.61 -24.09 -17.29
CA LEU A 87 13.20 -24.12 -18.62
C LEU A 87 13.82 -22.78 -19.00
N GLY A 88 13.30 -21.71 -18.43
CA GLY A 88 13.81 -20.37 -18.70
C GLY A 88 12.87 -19.48 -19.50
N ASP A 89 13.41 -18.80 -20.49
CA ASP A 89 12.63 -17.86 -21.28
C ASP A 89 12.71 -18.20 -22.74
N GLU A 91 12.48 -16.78 -26.79
CA GLU A 91 12.99 -15.62 -27.57
C GLU A 91 12.05 -14.44 -27.44
N GLU A 92 12.60 -13.24 -27.28
CA GLU A 92 11.78 -12.03 -27.35
C GLU A 92 11.28 -11.85 -28.78
N SER A 93 10.00 -11.47 -28.91
CA SER A 93 9.41 -11.22 -30.23
C SER A 93 8.47 -10.05 -30.15
N GLU A 94 8.20 -9.42 -31.29
CA GLU A 94 7.25 -8.31 -31.32
C GLU A 94 5.90 -8.78 -31.80
N ASP A 95 5.81 -10.06 -32.18
CA ASP A 95 4.64 -10.53 -32.89
C ASP A 95 3.66 -11.36 -32.08
N VAL A 96 2.57 -10.73 -31.66
CA VAL A 96 1.60 -11.39 -30.77
C VAL A 96 1.18 -12.76 -31.28
N GLU A 97 1.02 -12.84 -32.59
CA GLU A 97 0.47 -14.04 -33.20
C GLU A 97 1.45 -15.21 -33.14
N TYR A 98 2.72 -14.92 -33.40
CA TYR A 98 3.78 -15.90 -33.22
C TYR A 98 3.93 -16.32 -31.75
N VAL A 99 3.77 -15.34 -30.86
CA VAL A 99 3.97 -15.59 -29.44
C VAL A 99 2.84 -16.51 -28.95
N ILE A 100 1.61 -16.16 -29.33
CA ILE A 100 0.41 -16.95 -29.02
C ILE A 100 0.51 -18.38 -29.54
N ASP A 101 0.91 -18.54 -30.82
CA ASP A 101 1.12 -19.86 -31.41
C ASP A 101 2.05 -20.75 -30.60
N THR A 102 3.20 -20.21 -30.23
CA THR A 102 4.22 -20.93 -29.46
C THR A 102 3.70 -21.32 -28.09
N VAL A 103 3.04 -20.41 -27.40
CA VAL A 103 2.46 -20.71 -26.10
C VAL A 103 1.55 -21.92 -26.19
N GLU A 104 0.63 -21.87 -27.16
CA GLU A 104 -0.30 -22.97 -27.47
C GLU A 104 0.36 -24.37 -27.51
N SER A 105 1.39 -24.53 -28.35
CA SER A 105 2.05 -25.82 -28.47
C SER A 105 2.83 -26.23 -27.22
N VAL A 106 3.44 -25.25 -26.55
CA VAL A 106 4.14 -25.50 -25.30
C VAL A 106 3.15 -26.02 -24.25
N VAL A 107 2.04 -25.30 -24.05
CA VAL A 107 1.06 -25.73 -23.05
C VAL A 107 0.46 -27.12 -23.35
N SER A 108 0.09 -27.37 -24.61
CA SER A 108 -0.28 -28.72 -25.05
C SER A 108 0.66 -29.79 -24.50
N ALA A 109 1.94 -29.64 -24.81
CA ALA A 109 2.96 -30.65 -24.53
C ALA A 109 3.09 -30.94 -23.04
N VAL A 110 3.27 -29.91 -22.24
CA VAL A 110 3.34 -30.07 -20.80
C VAL A 110 2.10 -30.85 -20.31
N SER A 112 -0.02 -32.59 -21.89
CA SER A 112 -0.06 -33.93 -22.50
C SER A 112 0.82 -34.91 -21.73
N ASP A 113 1.94 -34.42 -21.24
CA ASP A 113 2.92 -35.28 -20.61
C ASP A 113 2.66 -35.39 -19.11
N GLY A 114 1.39 -35.19 -18.73
CA GLY A 114 0.99 -35.31 -17.32
C GLY A 114 1.52 -34.24 -16.38
N LYS A 115 2.07 -33.14 -16.93
CA LYS A 115 2.62 -32.03 -16.10
C LYS A 115 1.76 -30.75 -16.11
N ILE A 116 2.05 -29.84 -15.18
CA ILE A 116 1.28 -28.62 -14.98
C ILE A 116 2.07 -27.37 -15.38
N PRO A 117 1.66 -26.69 -16.47
CA PRO A 117 2.44 -25.56 -16.96
C PRO A 117 2.26 -24.38 -16.00
N ILE A 118 3.37 -23.73 -15.63
CA ILE A 118 3.27 -22.50 -14.86
C ILE A 118 3.97 -21.40 -15.66
N LEU A 120 5.17 -17.75 -16.63
CA LEU A 120 5.45 -16.37 -16.22
C LEU A 120 5.58 -15.49 -17.47
N GLY A 121 4.78 -14.44 -17.51
CA GLY A 121 4.87 -13.61 -18.66
C GLY A 121 5.21 -12.14 -18.46
N GLY A 122 5.03 -11.39 -19.54
CA GLY A 122 4.73 -10.00 -19.50
C GLY A 122 3.21 -9.91 -19.67
N GLU A 123 2.76 -9.74 -20.90
CA GLU A 123 1.38 -9.35 -21.15
C GLU A 123 0.41 -10.49 -20.96
N HIS A 124 -0.86 -10.09 -20.79
CA HIS A 124 -1.96 -10.98 -20.52
C HIS A 124 -2.29 -11.83 -21.74
N SER A 125 -2.10 -11.27 -22.93
CA SER A 125 -2.60 -11.87 -24.17
C SER A 125 -1.96 -13.22 -24.49
N ILE A 126 -0.87 -13.55 -23.83
CA ILE A 126 -0.27 -14.86 -23.99
C ILE A 126 -1.14 -15.99 -23.43
N THR A 127 -2.03 -15.65 -22.50
CA THR A 127 -3.03 -16.57 -21.98
C THR A 127 -3.95 -17.09 -23.08
N VAL A 128 -4.10 -16.32 -24.15
CA VAL A 128 -4.92 -16.74 -25.27
C VAL A 128 -4.42 -18.05 -25.83
N GLY A 129 -3.12 -18.15 -26.00
CA GLY A 129 -2.51 -19.39 -26.47
C GLY A 129 -2.78 -20.55 -25.54
N ALA A 130 -2.82 -20.27 -24.24
CA ALA A 130 -3.05 -21.32 -23.27
C ALA A 130 -4.48 -21.85 -23.37
N VAL A 131 -5.45 -20.92 -23.38
CA VAL A 131 -6.85 -21.28 -23.58
C VAL A 131 -7.03 -22.23 -24.77
N ARG A 132 -6.34 -21.97 -25.87
CA ARG A 132 -6.47 -22.76 -27.08
C ARG A 132 -6.24 -24.21 -26.83
N ALA A 133 -5.46 -24.54 -25.81
CA ALA A 133 -5.10 -25.94 -25.51
C ALA A 133 -6.05 -26.61 -24.52
N LEU A 134 -6.93 -25.82 -23.90
CA LEU A 134 -7.89 -26.35 -22.93
C LEU A 134 -8.91 -27.35 -23.49
N PRO A 135 -9.00 -28.54 -22.87
CA PRO A 135 -10.05 -29.53 -23.13
C PRO A 135 -11.43 -29.00 -22.73
N LYS A 136 -12.47 -29.80 -22.92
CA LYS A 136 -13.82 -29.30 -22.71
C LYS A 136 -14.29 -29.29 -21.25
N ASP A 137 -13.69 -30.13 -20.42
CA ASP A 137 -14.03 -30.14 -19.00
C ASP A 137 -13.43 -28.96 -18.21
N VAL A 138 -12.38 -28.34 -18.75
CA VAL A 138 -11.66 -27.27 -18.08
C VAL A 138 -12.35 -25.93 -18.24
N ASP A 139 -12.51 -25.18 -17.15
CA ASP A 139 -13.10 -23.83 -17.18
C ASP A 139 -12.07 -22.76 -16.80
N LEU A 140 -12.25 -21.56 -17.31
CA LEU A 140 -11.26 -20.52 -17.14
C LEU A 140 -11.58 -19.60 -15.97
N VAL A 141 -10.57 -19.33 -15.15
CA VAL A 141 -10.73 -18.46 -13.98
C VAL A 141 -9.66 -17.37 -14.04
N ILE A 142 -10.12 -16.13 -14.17
CA ILE A 142 -9.23 -14.98 -14.32
C ILE A 142 -9.28 -14.05 -13.10
N VAL A 143 -8.12 -13.52 -12.69
CA VAL A 143 -8.09 -12.41 -11.77
C VAL A 143 -7.67 -11.20 -12.57
N ASP A 144 -8.48 -10.14 -12.53
CA ASP A 144 -8.21 -9.00 -13.39
C ASP A 144 -9.03 -7.79 -13.01
N ALA A 145 -8.48 -6.58 -13.19
CA ALA A 145 -9.22 -5.35 -12.89
C ALA A 145 -10.00 -4.87 -14.09
N HIS A 146 -9.63 -5.34 -15.27
CA HIS A 146 -10.43 -4.98 -16.46
C HIS A 146 -11.08 -6.23 -17.06
N SER A 147 -12.27 -6.07 -17.63
CA SER A 147 -12.73 -7.06 -18.59
C SER A 147 -11.94 -6.81 -19.86
N ASP A 148 -11.24 -7.83 -20.30
CA ASP A 148 -10.47 -7.66 -21.53
C ASP A 148 -11.37 -8.16 -22.65
N PHE A 149 -12.40 -7.37 -22.93
CA PHE A 149 -13.54 -7.86 -23.71
C PHE A 149 -13.77 -7.12 -25.02
N ARG A 150 -12.95 -6.08 -25.26
CA ARG A 150 -12.92 -5.39 -26.56
C ARG A 150 -12.85 -6.37 -27.72
N SER A 151 -13.64 -6.07 -28.76
CA SER A 151 -13.61 -6.85 -30.02
C SER A 151 -12.23 -6.77 -30.68
N SER A 152 -11.62 -5.60 -30.56
CA SER A 152 -10.27 -5.34 -31.06
C SER A 152 -9.72 -4.08 -30.40
N TYR A 153 -8.41 -3.95 -30.40
CA TYR A 153 -7.80 -2.73 -29.88
C TYR A 153 -6.48 -2.47 -30.61
N GLY A 155 -6.01 -1.87 -33.91
CA GLY A 155 -5.98 -2.74 -35.09
C GLY A 155 -5.37 -4.12 -34.86
N ASN A 156 -5.53 -4.62 -33.62
CA ASN A 156 -5.15 -5.98 -33.29
C ASN A 156 -6.19 -6.73 -32.44
N LYS A 157 -6.56 -7.93 -32.89
CA LYS A 157 -7.53 -8.76 -32.18
C LYS A 157 -6.91 -9.45 -30.99
N TYR A 158 -5.59 -9.43 -30.97
CA TYR A 158 -4.81 -10.05 -29.91
C TYR A 158 -4.15 -9.03 -28.99
N ASN A 159 -4.53 -7.76 -29.11
CA ASN A 159 -4.26 -6.77 -28.05
C ASN A 159 -4.69 -7.32 -26.68
N HIS A 160 -3.88 -7.06 -25.64
CA HIS A 160 -4.09 -7.67 -24.35
C HIS A 160 -5.33 -7.13 -23.66
N ALA A 161 -6.06 -6.25 -24.37
CA ALA A 161 -7.36 -5.78 -23.88
C ALA A 161 -8.51 -6.57 -24.49
N CYS A 162 -8.20 -7.69 -25.15
CA CYS A 162 -9.21 -8.52 -25.83
C CYS A 162 -9.17 -9.98 -25.33
N VAL A 163 -8.31 -10.29 -24.37
CA VAL A 163 -8.10 -11.67 -23.93
C VAL A 163 -9.39 -12.37 -23.53
N THR A 164 -10.27 -11.69 -22.78
CA THR A 164 -11.53 -12.32 -22.38
C THR A 164 -12.37 -12.62 -23.63
N ARG A 165 -12.22 -11.79 -24.66
CA ARG A 165 -12.93 -11.97 -25.93
C ARG A 165 -12.49 -13.21 -26.63
N ARG A 166 -11.19 -13.26 -26.89
CA ARG A 166 -10.58 -14.39 -27.54
C ARG A 166 -10.93 -15.69 -26.81
N ALA A 167 -11.03 -15.62 -25.50
CA ALA A 167 -11.31 -16.80 -24.70
C ALA A 167 -12.75 -17.23 -24.90
N LEU A 168 -13.68 -16.29 -24.89
CA LEU A 168 -15.06 -16.61 -25.25
C LEU A 168 -15.18 -17.35 -26.60
N ASP A 169 -14.69 -16.74 -27.68
CA ASP A 169 -14.62 -17.38 -29.01
C ASP A 169 -14.18 -18.84 -28.99
N LEU A 170 -13.23 -19.16 -28.15
CA LEU A 170 -12.70 -20.51 -28.10
C LEU A 170 -13.51 -21.48 -27.22
N LEU A 171 -14.17 -20.95 -26.18
CA LEU A 171 -14.71 -21.81 -25.14
C LEU A 171 -16.22 -21.86 -25.09
N GLY A 172 -16.85 -20.75 -25.49
CA GLY A 172 -18.32 -20.56 -25.34
C GLY A 172 -18.73 -19.95 -23.99
N GLU A 173 -20.04 -19.86 -23.79
CA GLU A 173 -20.63 -19.31 -22.58
C GLU A 173 -20.65 -20.37 -21.48
N GLY A 174 -20.83 -19.90 -20.24
CA GLY A 174 -20.82 -20.74 -19.04
C GLY A 174 -19.52 -21.51 -18.91
N ARG A 175 -18.39 -20.81 -19.03
CA ARG A 175 -17.07 -21.42 -19.02
C ARG A 175 -16.04 -20.50 -18.39
N ILE A 176 -16.29 -19.19 -18.44
CA ILE A 176 -15.31 -18.21 -18.02
C ILE A 176 -15.78 -17.30 -16.89
N THR A 177 -14.91 -17.13 -15.90
CA THR A 177 -15.17 -16.25 -14.80
C THR A 177 -13.98 -15.29 -14.61
N SER A 178 -14.26 -14.02 -14.44
CA SER A 178 -13.21 -13.07 -14.07
C SER A 178 -13.57 -12.19 -12.88
N ILE A 179 -12.63 -12.10 -11.96
CA ILE A 179 -12.83 -11.49 -10.66
C ILE A 179 -11.88 -10.30 -10.38
N GLY A 180 -12.44 -9.21 -9.87
CA GLY A 180 -11.64 -8.04 -9.57
C GLY A 180 -12.04 -6.87 -10.44
N ILE A 181 -13.05 -7.06 -11.26
CA ILE A 181 -13.24 -6.13 -12.36
C ILE A 181 -13.81 -4.78 -11.87
N ARG A 182 -13.20 -3.70 -12.34
CA ARG A 182 -13.62 -2.38 -11.94
C ARG A 182 -13.30 -1.36 -13.02
N SER A 183 -12.84 -1.86 -14.17
CA SER A 183 -12.62 -1.03 -15.37
C SER A 183 -13.19 -1.73 -16.58
N VAL A 184 -14.18 -1.07 -17.21
CA VAL A 184 -14.91 -1.61 -18.36
C VAL A 184 -15.27 -0.52 -19.36
N SER A 185 -15.09 -0.85 -20.63
CA SER A 185 -15.32 0.07 -21.75
C SER A 185 -16.81 0.11 -21.98
N ARG A 186 -17.36 1.20 -22.52
CA ARG A 186 -18.80 1.24 -22.85
C ARG A 186 -19.12 0.26 -24.00
N GLU A 187 -18.36 0.39 -25.07
CA GLU A 187 -18.36 -0.57 -26.18
C GLU A 187 -18.45 -2.01 -25.67
N GLU A 188 -17.77 -2.31 -24.55
CA GLU A 188 -17.75 -3.67 -23.99
C GLU A 188 -19.06 -4.03 -23.29
N PHE A 189 -19.51 -3.12 -22.43
CA PHE A 189 -20.70 -3.34 -21.63
C PHE A 189 -21.98 -3.49 -22.47
N GLU A 190 -22.07 -2.72 -23.56
CA GLU A 190 -23.25 -2.71 -24.44
C GLU A 190 -23.31 -3.88 -25.41
N ASP A 191 -22.19 -4.56 -25.57
CA ASP A 191 -22.15 -5.79 -26.37
C ASP A 191 -23.10 -6.85 -25.81
N PRO A 192 -23.87 -7.49 -26.69
CA PRO A 192 -24.78 -8.57 -26.26
C PRO A 192 -24.02 -9.74 -25.60
N ASP A 193 -22.93 -10.19 -26.22
CA ASP A 193 -22.16 -11.33 -25.72
C ASP A 193 -21.49 -11.11 -24.36
N PHE A 194 -21.54 -9.88 -23.87
CA PHE A 194 -20.90 -9.55 -22.61
C PHE A 194 -21.44 -10.38 -21.46
N ARG A 195 -22.73 -10.69 -21.50
CA ARG A 195 -23.36 -11.40 -20.40
C ARG A 195 -23.00 -12.90 -20.38
N LYS A 196 -22.26 -13.31 -21.40
CA LYS A 196 -21.88 -14.70 -21.56
C LYS A 196 -20.67 -15.03 -20.72
N VAL A 197 -20.14 -14.02 -20.05
CA VAL A 197 -19.04 -14.25 -19.13
C VAL A 197 -19.50 -13.78 -17.77
N SER A 198 -19.04 -14.47 -16.72
CA SER A 198 -19.32 -14.07 -15.35
C SER A 198 -18.30 -13.09 -14.85
N PHE A 199 -18.69 -11.82 -14.89
CA PHE A 199 -17.81 -10.78 -14.43
C PHE A 199 -18.09 -10.42 -12.96
N ILE A 200 -17.09 -10.63 -12.10
CA ILE A 200 -17.27 -10.33 -10.69
C ILE A 200 -16.39 -9.16 -10.26
N SER A 201 -17.02 -8.08 -9.78
CA SER A 201 -16.27 -6.89 -9.48
C SER A 201 -15.51 -7.00 -8.18
N SER A 202 -14.48 -6.16 -8.04
CA SER A 202 -13.82 -6.00 -6.75
C SER A 202 -14.81 -5.57 -5.65
N PHE A 203 -15.70 -4.63 -5.97
CA PHE A 203 -16.72 -4.16 -5.02
C PHE A 203 -17.57 -5.28 -4.48
N ASP A 204 -17.94 -6.23 -5.35
CA ASP A 204 -18.66 -7.42 -4.91
C ASP A 204 -17.86 -8.22 -3.87
N VAL A 205 -16.57 -8.44 -4.14
CA VAL A 205 -15.72 -9.16 -3.20
C VAL A 205 -15.61 -8.40 -1.87
N LYS A 206 -15.48 -7.08 -1.94
CA LYS A 206 -15.32 -6.28 -0.75
C LYS A 206 -16.61 -6.33 0.10
N LYS A 207 -17.74 -6.58 -0.55
CA LYS A 207 -19.02 -6.65 0.15
C LYS A 207 -19.33 -8.05 0.63
N ASN A 208 -19.28 -9.04 -0.27
CA ASN A 208 -19.73 -10.40 0.06
C ASN A 208 -18.63 -11.36 0.39
N GLY A 209 -17.38 -10.94 0.26
CA GLY A 209 -16.24 -11.82 0.52
C GLY A 209 -15.83 -12.65 -0.69
N ILE A 210 -14.68 -13.31 -0.59
CA ILE A 210 -14.16 -14.02 -1.75
C ILE A 210 -14.71 -15.43 -1.82
N ASP A 211 -14.86 -16.05 -0.65
CA ASP A 211 -15.28 -17.46 -0.57
C ASP A 211 -16.57 -17.74 -1.33
N LYS A 212 -17.43 -16.72 -1.44
CA LYS A 212 -18.72 -16.86 -2.11
C LYS A 212 -18.56 -17.20 -3.58
N TYR A 213 -17.71 -16.45 -4.27
CA TYR A 213 -17.47 -16.69 -5.67
C TYR A 213 -16.51 -17.86 -5.89
N ILE A 214 -15.68 -18.17 -4.89
CA ILE A 214 -14.82 -19.33 -4.99
C ILE A 214 -15.71 -20.57 -4.92
N GLU A 215 -16.78 -20.48 -4.12
CA GLU A 215 -17.75 -21.57 -3.98
C GLU A 215 -18.40 -21.92 -5.33
N GLU A 216 -18.93 -20.88 -6.00
CA GLU A 216 -19.62 -21.03 -7.29
C GLU A 216 -18.75 -21.76 -8.29
N VAL A 217 -17.48 -21.38 -8.38
CA VAL A 217 -16.57 -22.03 -9.32
C VAL A 217 -16.25 -23.47 -8.90
N ASP A 218 -16.13 -23.72 -7.60
CA ASP A 218 -15.72 -25.04 -7.14
C ASP A 218 -16.83 -26.05 -7.35
N ARG A 219 -18.06 -25.55 -7.41
CA ARG A 219 -19.21 -26.40 -7.65
C ARG A 219 -19.38 -26.71 -9.11
N LYS A 220 -19.34 -25.66 -9.93
CA LYS A 220 -19.68 -25.77 -11.33
C LYS A 220 -18.64 -26.50 -12.18
N SER A 221 -17.38 -26.51 -11.75
CA SER A 221 -16.26 -26.84 -12.65
C SER A 221 -15.53 -28.12 -12.28
N ARG A 222 -15.39 -29.03 -13.23
CA ARG A 222 -14.60 -30.21 -12.96
C ARG A 222 -13.13 -29.84 -12.81
N ARG A 223 -12.58 -29.18 -13.83
CA ARG A 223 -11.20 -28.74 -13.81
C ARG A 223 -11.10 -27.27 -14.14
N VAL A 224 -9.97 -26.63 -13.81
CA VAL A 224 -9.77 -25.19 -14.07
C VAL A 224 -8.41 -24.78 -14.64
N TYR A 225 -8.37 -23.58 -15.25
CA TYR A 225 -7.12 -22.93 -15.60
C TYR A 225 -7.10 -21.58 -14.92
N ILE A 226 -6.04 -21.30 -14.16
CA ILE A 226 -5.98 -20.05 -13.39
C ILE A 226 -5.03 -19.02 -14.01
N SER A 227 -5.58 -17.88 -14.37
CA SER A 227 -4.80 -16.84 -14.93
C SER A 227 -4.91 -15.57 -14.10
N VAL A 228 -3.77 -15.06 -13.65
CA VAL A 228 -3.74 -13.96 -12.73
C VAL A 228 -3.21 -12.72 -13.41
N ASP A 229 -4.12 -11.85 -13.81
CA ASP A 229 -3.72 -10.52 -14.21
C ASP A 229 -3.45 -9.69 -12.94
N ASP A 231 -2.98 -6.82 -12.07
CA ASP A 231 -3.62 -5.55 -11.75
C ASP A 231 -5.02 -5.69 -11.13
N GLY A 232 -5.56 -6.92 -11.08
CA GLY A 232 -6.81 -7.14 -10.37
C GLY A 232 -6.59 -6.79 -8.90
N ILE A 233 -5.41 -7.12 -8.41
CA ILE A 233 -4.99 -6.78 -7.07
C ILE A 233 -4.78 -5.27 -6.86
N ASP A 234 -5.24 -4.74 -5.74
CA ASP A 234 -5.13 -3.33 -5.49
C ASP A 234 -3.69 -2.87 -5.61
N PRO A 235 -3.45 -1.68 -6.19
CA PRO A 235 -2.10 -1.05 -6.26
C PRO A 235 -1.27 -1.00 -4.97
N ALA A 236 -1.95 -1.01 -3.83
CA ALA A 236 -1.27 -1.01 -2.53
C ALA A 236 -0.42 -2.28 -2.29
N TYR A 237 -0.94 -3.45 -2.75
CA TYR A 237 -0.21 -4.71 -2.57
C TYR A 237 0.53 -5.01 -3.86
N ALA A 238 0.28 -4.24 -4.92
CA ALA A 238 0.97 -4.51 -6.17
C ALA A 238 1.21 -3.24 -7.05
N PRO A 239 2.17 -2.38 -6.67
CA PRO A 239 2.37 -1.07 -7.31
C PRO A 239 2.82 -1.14 -8.72
N ALA A 240 3.54 -2.20 -9.09
CA ALA A 240 4.23 -2.23 -10.40
C ALA A 240 3.38 -2.79 -11.56
N VAL A 241 2.07 -2.90 -11.36
CA VAL A 241 1.24 -3.43 -12.41
C VAL A 241 1.29 -2.48 -13.61
N GLY A 242 1.02 -3.01 -14.79
CA GLY A 242 1.09 -2.20 -16.01
C GLY A 242 0.01 -1.14 -16.11
N THR A 243 -1.20 -1.46 -15.67
CA THR A 243 -2.33 -0.54 -15.70
C THR A 243 -3.02 -0.54 -14.33
N PRO A 244 -2.58 0.35 -13.43
CA PRO A 244 -3.10 0.43 -12.06
C PRO A 244 -4.55 0.89 -12.01
N GLU A 245 -5.34 0.21 -11.18
CA GLU A 245 -6.74 0.57 -10.96
C GLU A 245 -7.04 0.56 -9.46
N PRO A 246 -7.24 1.73 -8.89
CA PRO A 246 -7.58 1.81 -7.46
C PRO A 246 -8.77 0.93 -7.05
N PHE A 247 -8.90 0.67 -5.75
CA PHE A 247 -10.08 -0.01 -5.17
C PHE A 247 -10.16 -1.48 -5.50
N GLY A 248 -9.03 -2.18 -5.45
CA GLY A 248 -8.96 -3.52 -6.02
C GLY A 248 -8.88 -4.60 -4.96
N LEU A 249 -8.60 -5.82 -5.36
CA LEU A 249 -8.63 -6.95 -4.43
C LEU A 249 -7.46 -6.91 -3.47
N ALA A 250 -7.56 -7.72 -2.42
CA ALA A 250 -6.47 -7.88 -1.48
C ALA A 250 -5.61 -9.07 -1.92
N ASP A 251 -4.30 -8.94 -1.79
CA ASP A 251 -3.42 -10.10 -2.04
C ASP A 251 -3.91 -11.40 -1.33
N THR A 252 -4.67 -11.28 -0.25
CA THR A 252 -5.08 -12.46 0.45
C THR A 252 -6.29 -13.08 -0.27
N ASP A 253 -7.07 -12.27 -0.96
CA ASP A 253 -8.18 -12.78 -1.73
C ASP A 253 -7.66 -13.63 -2.83
N VAL A 254 -6.56 -13.23 -3.45
CA VAL A 254 -6.00 -14.02 -4.53
C VAL A 254 -5.36 -15.29 -3.98
N ARG A 255 -4.68 -15.17 -2.83
CA ARG A 255 -4.11 -16.31 -2.14
C ARG A 255 -5.20 -17.34 -1.85
N ARG A 256 -6.32 -16.86 -1.33
CA ARG A 256 -7.41 -17.72 -0.91
C ARG A 256 -7.97 -18.41 -2.14
N LEU A 257 -8.24 -17.65 -3.20
CA LEU A 257 -8.71 -18.24 -4.45
C LEU A 257 -7.74 -19.34 -4.90
N ILE A 258 -6.46 -19.07 -4.94
CA ILE A 258 -5.50 -20.10 -5.38
C ILE A 258 -5.51 -21.29 -4.45
N GLU A 259 -5.25 -21.04 -3.17
CA GLU A 259 -5.38 -22.01 -2.05
C GLU A 259 -6.51 -23.03 -2.29
N ARG A 260 -7.73 -22.53 -2.51
CA ARG A 260 -8.93 -23.35 -2.71
C ARG A 260 -9.00 -24.15 -4.01
N LEU A 261 -8.51 -23.59 -5.11
CA LEU A 261 -8.77 -24.13 -6.44
C LEU A 261 -7.61 -24.90 -7.09
N SER A 262 -6.48 -24.98 -6.40
CA SER A 262 -5.28 -25.48 -7.02
C SER A 262 -5.30 -27.00 -7.26
N TYR A 263 -6.10 -27.73 -6.49
CA TYR A 263 -6.23 -29.19 -6.65
C TYR A 263 -6.93 -29.55 -7.99
N LYS A 264 -7.70 -28.61 -8.53
CA LYS A 264 -8.43 -28.79 -9.79
C LYS A 264 -7.77 -28.06 -10.95
N ALA A 265 -6.56 -27.57 -10.77
CA ALA A 265 -5.94 -26.73 -11.79
C ALA A 265 -5.11 -27.54 -12.78
N VAL A 266 -5.34 -27.33 -14.07
CA VAL A 266 -4.48 -27.95 -15.11
C VAL A 266 -3.29 -27.10 -15.49
N GLY A 267 -3.31 -25.83 -15.05
CA GLY A 267 -2.33 -24.83 -15.44
C GLY A 267 -2.55 -23.45 -14.84
N PHE A 268 -1.48 -22.66 -14.82
CA PHE A 268 -1.42 -21.46 -14.04
C PHE A 268 -0.64 -20.42 -14.79
N ASP A 269 -0.98 -19.14 -14.62
CA ASP A 269 -0.14 -18.06 -15.09
C ASP A 269 -0.25 -16.71 -14.34
N ILE A 270 0.83 -15.92 -14.37
CA ILE A 270 0.90 -14.62 -13.69
C ILE A 270 1.42 -13.57 -14.67
N VAL A 271 0.63 -12.52 -14.91
CA VAL A 271 0.96 -11.58 -15.97
C VAL A 271 0.69 -10.13 -15.57
N GLU A 272 1.13 -9.23 -16.44
CA GLU A 272 0.75 -7.83 -16.42
C GLU A 272 1.32 -6.97 -15.27
N PHE A 273 2.54 -7.26 -14.83
CA PHE A 273 3.23 -6.28 -13.96
C PHE A 273 4.67 -6.01 -14.43
N SER A 274 5.18 -4.81 -14.10
CA SER A 274 6.46 -4.35 -14.64
C SER A 274 7.53 -3.99 -13.60
N PRO A 275 8.56 -4.83 -13.48
CA PRO A 275 9.63 -4.73 -12.48
C PRO A 275 10.29 -3.32 -12.42
N LEU A 276 10.27 -2.58 -13.54
CA LEU A 276 10.88 -1.24 -13.61
C LEU A 276 10.13 -0.17 -12.84
N TYR A 277 8.91 -0.46 -12.39
CA TYR A 277 8.10 0.57 -11.75
C TYR A 277 8.05 0.46 -10.23
N ASP A 278 8.80 -0.46 -9.65
CA ASP A 278 8.90 -0.54 -8.18
C ASP A 278 10.22 -1.20 -7.76
N ASN A 279 10.42 -1.41 -6.46
CA ASN A 279 11.73 -1.89 -6.02
C ASN A 279 11.74 -3.39 -5.76
N GLY A 280 10.72 -4.10 -6.23
CA GLY A 280 10.71 -5.55 -6.10
C GLY A 280 9.57 -6.15 -5.31
N ASN A 281 8.80 -5.36 -4.55
CA ASN A 281 7.69 -5.90 -3.76
C ASN A 281 6.62 -6.64 -4.60
N THR A 282 6.38 -6.17 -5.80
CA THR A 282 5.36 -6.82 -6.64
C THR A 282 5.86 -8.16 -7.14
N SER A 283 7.10 -8.21 -7.63
CA SER A 283 7.65 -9.46 -8.11
C SER A 283 7.82 -10.47 -6.97
N LEU A 285 5.43 -10.63 -4.52
CA LEU A 285 4.07 -11.15 -4.30
C LEU A 285 3.80 -12.17 -5.36
N ALA A 286 4.28 -11.88 -6.58
CA ALA A 286 4.20 -12.85 -7.66
C ALA A 286 4.87 -14.17 -7.30
N ALA A 287 6.12 -14.11 -6.88
CA ALA A 287 6.88 -15.31 -6.58
C ALA A 287 6.21 -16.07 -5.46
N LYS A 288 5.63 -15.34 -4.52
CA LYS A 288 4.94 -15.96 -3.41
C LYS A 288 3.65 -16.71 -3.85
N LEU A 289 2.87 -16.10 -4.73
CA LEU A 289 1.67 -16.74 -5.28
C LEU A 289 2.05 -18.01 -6.06
N LEU A 290 3.21 -18.01 -6.71
CA LEU A 290 3.74 -19.21 -7.33
C LEU A 290 3.95 -20.30 -6.28
N GLN A 291 4.42 -19.91 -5.10
CA GLN A 291 4.51 -20.84 -3.98
C GLN A 291 3.13 -21.38 -3.51
N VAL A 292 2.22 -20.46 -3.19
CA VAL A 292 0.89 -20.83 -2.74
C VAL A 292 0.23 -21.83 -3.66
N PHE A 293 0.50 -21.70 -4.96
CA PHE A 293 -0.08 -22.59 -5.93
C PHE A 293 0.43 -24.03 -5.76
N ILE A 294 1.76 -24.20 -5.70
CA ILE A 294 2.37 -25.54 -5.62
C ILE A 294 2.23 -26.16 -4.23
N ALA A 295 2.36 -25.35 -3.18
CA ALA A 295 2.25 -25.86 -1.82
C ALA A 295 0.83 -26.29 -1.46
N SER A 296 -0.18 -25.46 -1.76
CA SER A 296 -1.57 -25.79 -1.44
C SER A 296 -2.00 -27.05 -2.15
N ARG A 297 -1.42 -27.28 -3.34
CA ARG A 297 -1.77 -28.44 -4.13
C ARG A 297 -1.14 -29.72 -3.60
N GLU A 298 0.10 -29.62 -3.13
CA GLU A 298 0.76 -30.79 -2.54
C GLU A 298 0.15 -31.23 -1.20
N LYS A 299 -0.19 -30.26 -0.35
CA LYS A 299 -0.92 -30.52 0.89
C LYS A 299 -2.23 -31.26 0.60
N TYR A 300 -3.05 -30.70 -0.29
CA TYR A 300 -4.28 -31.38 -0.74
C TYR A 300 -4.08 -32.86 -1.10
N TYR A 301 -3.14 -33.15 -2.00
CA TYR A 301 -2.86 -34.52 -2.38
C TYR A 301 -2.16 -35.37 -1.29
N LYS A 302 -2.19 -34.86 -0.05
CA LYS A 302 -1.68 -35.62 1.12
C LYS A 302 -2.50 -35.39 2.41
N ALA B 13 -3.09 24.08 -42.85
CA ALA B 13 -3.32 25.32 -42.07
C ALA B 13 -4.31 25.08 -40.91
N SER B 14 -5.46 24.49 -41.24
CA SER B 14 -6.51 24.20 -40.26
C SER B 14 -6.65 22.70 -40.14
N GLU B 15 -6.13 22.00 -41.15
CA GLU B 15 -5.97 20.56 -41.08
C GLU B 15 -5.03 20.16 -39.92
N LEU B 16 -4.08 21.05 -39.59
CA LEU B 16 -3.10 20.86 -38.51
C LEU B 16 -3.71 20.91 -37.12
N ARG B 17 -4.65 21.83 -36.91
CA ARG B 17 -5.43 21.86 -35.64
C ARG B 17 -6.30 20.60 -35.49
N SER B 18 -6.49 19.91 -36.59
CA SER B 18 -7.22 18.67 -36.61
C SER B 18 -6.33 17.46 -36.26
N ILE B 19 -5.01 17.66 -36.28
CA ILE B 19 -4.10 16.56 -36.03
C ILE B 19 -3.41 16.71 -34.66
N PHE B 20 -3.21 17.94 -34.23
CA PHE B 20 -2.40 18.22 -33.05
C PHE B 20 -3.21 18.96 -32.02
N SER B 21 -3.01 18.58 -30.75
CA SER B 21 -3.68 19.24 -29.64
C SER B 21 -2.83 19.32 -28.38
N LEU B 22 -3.01 20.38 -27.61
CA LEU B 22 -2.32 20.50 -26.33
C LEU B 22 -2.86 19.42 -25.40
N LYS B 23 -2.12 19.16 -24.34
CA LYS B 23 -2.45 18.14 -23.35
C LYS B 23 -3.59 18.60 -22.47
N LYS B 24 -4.54 17.69 -22.25
CA LYS B 24 -5.62 17.92 -21.27
C LYS B 24 -6.34 16.64 -20.80
N ILE B 25 -7.37 16.80 -19.99
CA ILE B 25 -8.15 15.65 -19.59
C ILE B 25 -8.91 15.10 -20.79
N ALA B 26 -8.68 13.83 -21.09
CA ALA B 26 -9.09 13.29 -22.36
C ALA B 26 -10.58 13.45 -22.62
N ASP B 27 -11.38 13.49 -21.57
CA ASP B 27 -12.82 13.55 -21.73
C ASP B 27 -13.32 14.97 -21.68
N ALA B 28 -12.48 15.90 -21.26
CA ALA B 28 -12.86 17.32 -21.23
C ALA B 28 -12.97 17.86 -22.64
N VAL B 29 -14.05 17.48 -23.31
CA VAL B 29 -14.24 17.76 -24.73
C VAL B 29 -14.91 19.11 -25.04
N ASN B 30 -15.69 19.65 -24.11
CA ASN B 30 -16.47 20.84 -24.38
C ASN B 30 -15.73 22.11 -24.02
N GLY B 31 -16.12 23.21 -24.66
CA GLY B 31 -15.67 24.54 -24.24
C GLY B 31 -16.42 24.93 -22.97
N TYR B 32 -15.97 26.01 -22.33
CA TYR B 32 -16.54 26.43 -21.06
C TYR B 32 -18.05 26.61 -21.11
N GLU B 33 -18.51 27.36 -22.10
CA GLU B 33 -19.92 27.71 -22.23
C GLU B 33 -20.88 26.51 -22.25
N GLU B 34 -20.48 25.45 -22.94
CA GLU B 34 -21.26 24.24 -23.04
C GLU B 34 -20.89 23.22 -21.95
N ALA B 35 -20.13 23.62 -20.93
CA ALA B 35 -19.69 22.66 -19.93
C ALA B 35 -20.49 22.70 -18.63
N LYS B 36 -20.75 21.52 -18.05
CA LYS B 36 -21.39 21.43 -16.72
C LYS B 36 -20.32 21.39 -15.67
N TYR B 37 -19.26 20.64 -16.00
CA TYR B 37 -18.12 20.45 -15.10
C TYR B 37 -16.85 21.11 -15.67
N VAL B 38 -16.29 22.02 -14.91
CA VAL B 38 -15.18 22.78 -15.39
C VAL B 38 -13.96 22.49 -14.51
N VAL B 39 -13.01 21.79 -15.11
CA VAL B 39 -11.81 21.32 -14.45
C VAL B 39 -10.70 22.31 -14.74
N PHE B 40 -9.99 22.70 -13.69
CA PHE B 40 -8.90 23.64 -13.84
C PHE B 40 -7.82 23.43 -12.80
N GLY B 41 -6.58 23.71 -13.19
CA GLY B 41 -5.45 23.53 -12.34
C GLY B 41 -4.92 24.82 -11.77
N ILE B 42 -4.41 24.73 -10.55
CA ILE B 42 -3.75 25.84 -9.89
C ILE B 42 -2.43 25.32 -9.32
N PRO B 43 -1.31 25.58 -10.00
CA PRO B 43 -0.03 25.02 -9.62
C PRO B 43 0.68 25.84 -8.56
N PHE B 44 0.18 25.81 -7.33
CA PHE B 44 0.75 26.66 -6.29
C PHE B 44 1.18 25.84 -5.08
N ASP B 45 2.29 26.24 -4.50
CA ASP B 45 3.08 25.32 -3.69
C ASP B 45 3.81 26.03 -2.59
N ASN B 46 3.85 27.36 -2.68
CA ASN B 46 4.85 28.15 -1.98
C ASN B 46 4.50 28.40 -0.52
N THR B 47 4.01 27.37 0.13
CA THR B 47 3.83 27.41 1.56
C THR B 47 4.13 26.02 2.15
N SER B 48 4.46 25.08 1.26
CA SER B 48 4.59 23.67 1.62
C SER B 48 5.99 23.35 2.10
N SER B 49 6.11 22.77 3.28
CA SER B 49 7.42 22.64 3.87
C SER B 49 8.08 21.30 3.62
N TYR B 50 7.37 20.22 3.96
CA TYR B 50 7.98 18.92 3.98
C TYR B 50 8.35 18.34 2.58
N ARG B 51 7.38 17.85 1.82
CA ARG B 51 7.64 17.37 0.48
C ARG B 51 7.11 18.40 -0.45
N ARG B 52 7.89 18.70 -1.48
CA ARG B 52 7.45 19.69 -2.44
C ARG B 52 7.22 19.12 -3.84
N GLY B 53 6.50 19.84 -4.69
CA GLY B 53 6.09 19.27 -5.99
C GLY B 53 4.60 19.26 -6.29
N SER B 54 3.74 19.63 -5.33
CA SER B 54 2.31 19.85 -5.61
C SER B 54 2.04 20.61 -6.92
N LYS B 55 2.77 21.70 -7.17
CA LYS B 55 2.69 22.43 -8.43
C LYS B 55 2.43 21.53 -9.65
N TYR B 56 3.03 20.34 -9.69
CA TYR B 56 3.01 19.52 -10.91
C TYR B 56 1.85 18.53 -10.87
N ALA B 57 1.03 18.58 -9.82
CA ALA B 57 -0.05 17.60 -9.69
C ALA B 57 -1.04 17.67 -10.85
N PRO B 58 -1.52 18.88 -11.21
CA PRO B 58 -2.54 18.92 -12.23
C PRO B 58 -2.02 18.36 -13.55
N ASP B 59 -0.79 18.68 -13.89
CA ASP B 59 -0.24 18.06 -15.06
C ASP B 59 -0.20 16.52 -14.95
N SER B 60 0.24 16.00 -13.81
CA SER B 60 0.34 14.55 -13.69
C SER B 60 -1.04 13.84 -13.71
N ILE B 61 -2.05 14.52 -13.17
CA ILE B 61 -3.40 14.00 -13.26
C ILE B 61 -3.89 13.87 -14.72
N ARG B 62 -3.60 14.85 -15.54
CA ARG B 62 -3.98 14.79 -16.95
C ARG B 62 -3.27 13.61 -17.64
N GLY B 63 -2.06 13.32 -17.19
CA GLY B 63 -1.27 12.25 -17.78
C GLY B 63 -1.77 10.87 -17.42
N ALA B 64 -2.21 10.68 -16.16
CA ALA B 64 -2.74 9.40 -15.70
C ALA B 64 -4.11 9.13 -16.30
N TYR B 65 -4.86 10.20 -16.62
CA TYR B 65 -6.22 10.02 -17.05
C TYR B 65 -6.28 9.16 -18.30
N VAL B 66 -5.23 9.18 -19.11
CA VAL B 66 -5.22 8.43 -20.35
C VAL B 66 -5.41 6.92 -20.09
N ASN B 67 -4.91 6.45 -18.95
CA ASN B 67 -5.11 5.05 -18.54
C ASN B 67 -6.55 4.67 -18.15
N LEU B 68 -7.42 5.66 -17.94
CA LEU B 68 -8.79 5.39 -17.51
C LEU B 68 -9.72 5.29 -18.70
N GLU B 69 -10.77 4.50 -18.54
CA GLU B 69 -11.86 4.38 -19.52
C GLU B 69 -12.76 5.61 -19.50
N SER B 70 -13.34 5.99 -20.67
CA SER B 70 -14.26 7.12 -20.69
C SER B 70 -15.61 6.75 -20.06
N TYR B 71 -15.83 5.46 -19.86
CA TYR B 71 -17.08 5.00 -19.31
C TYR B 71 -16.83 4.41 -17.95
N GLU B 72 -17.63 4.84 -16.96
CA GLU B 72 -17.44 4.37 -15.61
C GLU B 72 -18.42 3.25 -15.27
N TYR B 73 -17.86 2.07 -15.08
CA TYR B 73 -18.63 0.84 -14.97
C TYR B 73 -19.62 0.84 -13.81
N SER B 74 -19.16 1.28 -12.65
CA SER B 74 -19.93 1.21 -11.45
C SER B 74 -21.06 2.22 -11.41
N TYR B 75 -21.10 3.14 -12.34
CA TYR B 75 -22.16 4.14 -12.35
C TYR B 75 -22.98 4.13 -13.63
N GLY B 76 -22.45 3.47 -14.65
CA GLY B 76 -23.12 3.38 -15.93
C GLY B 76 -23.27 4.74 -16.55
N ILE B 77 -22.20 5.53 -16.50
CA ILE B 77 -22.16 6.89 -16.99
C ILE B 77 -20.98 7.07 -17.91
N ASP B 78 -21.27 7.55 -19.12
CA ASP B 78 -20.25 7.88 -20.11
C ASP B 78 -19.78 9.33 -19.88
N LEU B 79 -18.52 9.48 -19.52
CA LEU B 79 -17.97 10.77 -19.18
C LEU B 79 -17.82 11.70 -20.37
N LEU B 80 -17.67 11.10 -21.56
CA LEU B 80 -17.57 11.83 -22.81
C LEU B 80 -18.83 12.61 -23.09
N ALA B 81 -19.94 12.12 -22.58
CA ALA B 81 -21.21 12.79 -22.74
C ALA B 81 -21.69 13.41 -21.42
N SER B 82 -20.75 13.73 -20.53
CA SER B 82 -21.09 14.40 -19.30
C SER B 82 -20.72 15.90 -19.20
N GLY B 83 -20.42 16.55 -20.31
CA GLY B 83 -20.22 17.99 -20.30
C GLY B 83 -19.03 18.44 -19.46
N ALA B 85 -15.16 20.14 -19.33
CA ALA B 85 -14.21 21.04 -19.96
C ALA B 85 -12.93 21.13 -19.13
N ASP B 86 -11.80 21.42 -19.76
CA ASP B 86 -10.55 21.58 -19.04
C ASP B 86 -9.96 22.91 -19.46
N LEU B 87 -9.95 23.88 -18.56
CA LEU B 87 -9.36 25.19 -18.88
C LEU B 87 -7.81 25.21 -18.97
N GLY B 88 -7.15 24.21 -18.38
CA GLY B 88 -5.71 24.23 -18.20
C GLY B 88 -5.27 24.78 -16.85
N ASP B 89 -4.13 25.43 -16.83
CA ASP B 89 -3.47 25.85 -15.59
C ASP B 89 -3.29 27.34 -15.50
N GLU B 91 -1.06 30.68 -14.25
CA GLU B 91 0.36 31.05 -14.07
C GLU B 91 0.82 30.67 -12.68
N GLU B 92 2.11 30.39 -12.56
CA GLU B 92 2.66 30.16 -11.27
C GLU B 92 2.89 31.51 -10.60
N SER B 93 2.77 31.53 -9.27
CA SER B 93 2.96 32.74 -8.48
C SER B 93 3.51 32.37 -7.11
N GLU B 94 4.31 33.25 -6.52
CA GLU B 94 4.86 32.95 -5.20
C GLU B 94 3.99 33.51 -4.07
N ASP B 95 2.96 34.26 -4.47
CA ASP B 95 2.12 34.98 -3.53
C ASP B 95 0.77 34.27 -3.22
N VAL B 96 0.63 33.83 -1.97
CA VAL B 96 -0.58 33.10 -1.52
C VAL B 96 -1.84 33.95 -1.68
N GLU B 97 -1.83 35.17 -1.15
CA GLU B 97 -3.00 36.05 -1.25
C GLU B 97 -3.41 36.21 -2.69
N TYR B 98 -2.47 36.45 -3.58
CA TYR B 98 -2.79 36.58 -5.00
C TYR B 98 -3.50 35.38 -5.64
N VAL B 99 -3.09 34.16 -5.26
CA VAL B 99 -3.74 32.95 -5.78
C VAL B 99 -5.15 32.77 -5.19
N ILE B 100 -5.24 32.78 -3.87
CA ILE B 100 -6.52 32.71 -3.18
C ILE B 100 -7.54 33.71 -3.72
N ASP B 101 -7.12 34.93 -4.01
CA ASP B 101 -8.00 35.95 -4.60
C ASP B 101 -8.35 35.54 -5.99
N THR B 102 -7.44 34.89 -6.69
CA THR B 102 -7.70 34.50 -8.08
C THR B 102 -8.71 33.37 -8.09
N VAL B 103 -8.51 32.39 -7.21
CA VAL B 103 -9.42 31.26 -7.09
C VAL B 103 -10.85 31.76 -6.84
N GLU B 104 -11.01 32.66 -5.86
CA GLU B 104 -12.33 33.14 -5.44
C GLU B 104 -13.15 33.67 -6.62
N SER B 105 -12.53 34.49 -7.46
CA SER B 105 -13.18 34.99 -8.68
C SER B 105 -13.58 33.86 -9.63
N VAL B 106 -12.65 32.93 -9.83
CA VAL B 106 -12.87 31.82 -10.73
C VAL B 106 -13.97 30.90 -10.21
N VAL B 107 -13.99 30.67 -8.90
CA VAL B 107 -15.04 29.87 -8.27
C VAL B 107 -16.42 30.55 -8.32
N SER B 108 -16.52 31.80 -7.85
CA SER B 108 -17.74 32.63 -7.96
C SER B 108 -18.29 32.57 -9.37
N ALA B 109 -17.45 32.97 -10.33
CA ALA B 109 -17.82 33.03 -11.74
C ALA B 109 -18.47 31.73 -12.22
N VAL B 110 -17.79 30.60 -12.00
CA VAL B 110 -18.26 29.30 -12.49
C VAL B 110 -19.56 28.88 -11.79
N SER B 112 -21.91 31.13 -10.49
CA SER B 112 -22.91 32.01 -11.14
C SER B 112 -23.55 31.40 -12.39
N ASP B 113 -22.76 30.68 -13.19
CA ASP B 113 -23.22 30.18 -14.46
C ASP B 113 -23.82 28.81 -14.30
N GLY B 114 -24.00 28.41 -13.04
CA GLY B 114 -24.58 27.12 -12.68
C GLY B 114 -23.72 25.94 -13.09
N LYS B 115 -22.43 26.20 -13.21
CA LYS B 115 -21.47 25.20 -13.57
C LYS B 115 -20.87 24.66 -12.30
N ILE B 116 -20.17 23.53 -12.40
CA ILE B 116 -19.52 22.92 -11.23
C ILE B 116 -17.99 22.89 -11.31
N PRO B 117 -17.32 23.73 -10.51
CA PRO B 117 -15.87 23.85 -10.53
C PRO B 117 -15.17 22.62 -9.92
N ILE B 118 -14.22 22.05 -10.65
CA ILE B 118 -13.37 20.99 -10.12
C ILE B 118 -11.94 21.49 -10.10
N LEU B 120 -8.20 21.26 -9.45
CA LEU B 120 -7.01 20.49 -9.22
C LEU B 120 -5.93 21.44 -8.75
N GLY B 121 -5.34 21.12 -7.60
CA GLY B 121 -4.36 22.01 -7.09
C GLY B 121 -3.03 21.38 -6.79
N GLY B 122 -2.20 22.20 -6.17
CA GLY B 122 -1.10 21.75 -5.40
C GLY B 122 -1.60 21.82 -3.96
N GLU B 123 -1.18 22.87 -3.24
CA GLU B 123 -1.47 23.01 -1.80
C GLU B 123 -2.95 23.09 -1.48
N HIS B 124 -3.24 22.99 -0.19
CA HIS B 124 -4.62 23.02 0.31
C HIS B 124 -5.10 24.45 0.50
N SER B 125 -4.18 25.40 0.52
CA SER B 125 -4.60 26.75 0.81
C SER B 125 -5.36 27.37 -0.35
N ILE B 126 -5.35 26.77 -1.52
CA ILE B 126 -6.17 27.28 -2.59
C ILE B 126 -7.67 27.16 -2.30
N THR B 127 -8.02 26.21 -1.42
CA THR B 127 -9.40 25.95 -0.98
C THR B 127 -10.05 27.16 -0.33
N VAL B 128 -9.28 27.88 0.49
CA VAL B 128 -9.73 29.11 1.10
C VAL B 128 -10.49 29.97 0.06
N GLY B 129 -9.89 30.14 -1.11
CA GLY B 129 -10.48 30.93 -2.16
C GLY B 129 -11.90 30.48 -2.38
N ALA B 130 -12.04 29.24 -2.79
CA ALA B 130 -13.33 28.65 -3.08
C ALA B 130 -14.33 28.84 -1.92
N VAL B 131 -13.87 28.78 -0.67
CA VAL B 131 -14.76 28.94 0.49
C VAL B 131 -15.35 30.35 0.63
N ARG B 132 -14.64 31.36 0.12
CA ARG B 132 -15.13 32.74 0.15
C ARG B 132 -16.33 32.88 -0.77
N ALA B 133 -16.44 31.99 -1.74
CA ALA B 133 -17.48 32.09 -2.73
C ALA B 133 -18.83 31.43 -2.34
N LEU B 134 -18.79 30.67 -1.25
CA LEU B 134 -19.94 29.87 -0.82
C LEU B 134 -21.16 30.65 -0.33
N PRO B 135 -22.35 30.29 -0.84
CA PRO B 135 -23.63 30.74 -0.27
C PRO B 135 -23.85 30.26 1.19
N LYS B 136 -24.85 30.82 1.87
CA LYS B 136 -25.10 30.48 3.28
C LYS B 136 -25.57 29.04 3.57
N ASP B 137 -26.16 28.39 2.57
CA ASP B 137 -26.71 27.04 2.78
C ASP B 137 -25.66 25.95 2.61
N VAL B 138 -24.59 26.25 1.86
CA VAL B 138 -23.55 25.28 1.54
C VAL B 138 -22.71 24.99 2.78
N ASP B 139 -22.49 23.71 3.08
CA ASP B 139 -21.55 23.30 4.12
C ASP B 139 -20.28 22.71 3.48
N LEU B 140 -19.20 22.70 4.26
CA LEU B 140 -17.89 22.28 3.77
C LEU B 140 -17.53 20.92 4.35
N VAL B 141 -17.19 19.98 3.46
CA VAL B 141 -16.79 18.63 3.89
C VAL B 141 -15.38 18.31 3.44
N ILE B 142 -14.49 18.19 4.43
CA ILE B 142 -13.07 18.05 4.18
C ILE B 142 -12.53 16.65 4.51
N VAL B 143 -11.77 16.07 3.57
CA VAL B 143 -11.03 14.85 3.84
C VAL B 143 -9.61 15.27 4.04
N ASP B 144 -9.03 14.90 5.18
CA ASP B 144 -7.68 15.39 5.60
C ASP B 144 -7.12 14.57 6.77
N ALA B 145 -5.81 14.39 6.83
CA ALA B 145 -5.12 13.76 7.98
C ALA B 145 -4.83 14.74 9.12
N HIS B 146 -4.81 16.04 8.82
CA HIS B 146 -4.57 17.04 9.83
C HIS B 146 -5.75 17.96 9.93
N SER B 147 -5.87 18.65 11.07
CA SER B 147 -6.76 19.79 11.23
C SER B 147 -6.00 21.03 10.82
N ASP B 148 -6.04 21.39 9.55
CA ASP B 148 -5.30 22.56 9.10
C ASP B 148 -5.94 23.76 9.77
N PHE B 149 -5.90 23.77 11.10
CA PHE B 149 -6.65 24.69 11.93
C PHE B 149 -5.63 25.30 12.84
N ARG B 150 -4.99 26.37 12.37
CA ARG B 150 -3.90 26.98 13.08
C ARG B 150 -4.05 28.44 12.81
N SER B 151 -3.89 29.27 13.83
CA SER B 151 -4.10 30.70 13.62
C SER B 151 -3.13 31.28 12.58
N SER B 152 -1.86 30.88 12.64
CA SER B 152 -0.86 31.25 11.64
C SER B 152 0.34 30.30 11.62
N TYR B 153 1.03 30.24 10.47
CA TYR B 153 2.25 29.43 10.37
C TYR B 153 3.28 30.11 9.49
N GLY B 155 4.73 33.01 9.84
CA GLY B 155 4.28 34.39 9.59
C GLY B 155 3.32 34.48 8.42
N ASN B 156 2.40 33.51 8.36
CA ASN B 156 1.37 33.48 7.32
C ASN B 156 0.03 32.93 7.81
N LYS B 157 -1.04 33.72 7.61
CA LYS B 157 -2.42 33.33 7.96
C LYS B 157 -3.04 32.44 6.88
N TYR B 158 -2.58 32.62 5.65
CA TYR B 158 -3.00 31.79 4.54
C TYR B 158 -2.01 30.62 4.24
N ASN B 159 -1.08 30.36 5.15
CA ASN B 159 -0.30 29.12 5.13
C ASN B 159 -1.20 27.88 5.12
N HIS B 160 -0.80 26.86 4.35
CA HIS B 160 -1.64 25.67 4.08
C HIS B 160 -1.93 24.77 5.29
N ALA B 161 -1.42 25.16 6.46
CA ALA B 161 -1.72 24.49 7.70
C ALA B 161 -2.77 25.27 8.51
N CYS B 162 -3.38 26.26 7.88
CA CYS B 162 -4.34 27.14 8.54
C CYS B 162 -5.65 27.18 7.78
N VAL B 163 -5.75 26.38 6.72
CA VAL B 163 -6.93 26.39 5.85
C VAL B 163 -8.25 26.26 6.65
N THR B 164 -8.32 25.32 7.58
CA THR B 164 -9.56 25.11 8.33
C THR B 164 -9.91 26.34 9.15
N ARG B 165 -8.89 26.99 9.71
CA ARG B 165 -9.10 28.13 10.56
C ARG B 165 -9.71 29.25 9.76
N ARG B 166 -9.09 29.55 8.63
CA ARG B 166 -9.59 30.57 7.72
C ARG B 166 -10.98 30.22 7.21
N ALA B 167 -11.33 28.92 7.21
CA ALA B 167 -12.66 28.48 6.80
C ALA B 167 -13.72 28.82 7.84
N LEU B 168 -13.40 28.56 9.11
CA LEU B 168 -14.26 28.91 10.23
C LEU B 168 -14.50 30.43 10.29
N ASP B 169 -13.44 31.22 10.06
CA ASP B 169 -13.56 32.67 10.04
C ASP B 169 -14.63 33.10 9.04
N LEU B 170 -14.74 32.34 7.94
CA LEU B 170 -15.68 32.68 6.87
C LEU B 170 -17.09 32.16 7.08
N LEU B 171 -17.21 30.96 7.63
CA LEU B 171 -18.51 30.28 7.70
C LEU B 171 -19.15 30.34 9.06
N GLY B 172 -18.32 30.26 10.10
CA GLY B 172 -18.83 30.19 11.45
C GLY B 172 -19.14 28.75 11.83
N GLU B 173 -19.79 28.60 12.98
CA GLU B 173 -20.04 27.31 13.60
C GLU B 173 -21.00 26.44 12.81
N GLY B 174 -20.84 25.12 12.96
CA GLY B 174 -21.77 24.13 12.39
C GLY B 174 -21.74 24.00 10.88
N ARG B 175 -20.85 24.71 10.23
CA ARG B 175 -20.81 24.71 8.79
C ARG B 175 -19.73 23.80 8.17
N ILE B 176 -18.82 23.28 9.00
CA ILE B 176 -17.59 22.62 8.54
C ILE B 176 -17.35 21.28 9.24
N THR B 177 -17.03 20.26 8.47
CA THR B 177 -16.65 18.95 8.94
C THR B 177 -15.35 18.56 8.27
N SER B 178 -14.47 17.86 8.99
CA SER B 178 -13.22 17.37 8.38
C SER B 178 -12.93 15.95 8.84
N ILE B 179 -12.82 15.03 7.90
CA ILE B 179 -12.74 13.61 8.20
C ILE B 179 -11.39 12.96 7.91
N GLY B 180 -10.98 12.08 8.82
CA GLY B 180 -9.73 11.31 8.64
C GLY B 180 -8.61 11.79 9.56
N ILE B 181 -8.85 12.89 10.26
CA ILE B 181 -7.79 13.56 11.00
C ILE B 181 -7.11 12.67 12.08
N ARG B 182 -5.80 12.79 12.20
CA ARG B 182 -4.97 11.94 13.08
C ARG B 182 -3.69 12.63 13.48
N SER B 183 -3.58 13.91 13.17
CA SER B 183 -2.39 14.72 13.46
C SER B 183 -2.83 16.15 13.79
N VAL B 184 -2.69 16.51 15.07
CA VAL B 184 -3.17 17.81 15.58
C VAL B 184 -2.15 18.42 16.49
N SER B 185 -1.90 19.71 16.31
CA SER B 185 -1.02 20.46 17.19
C SER B 185 -1.80 20.97 18.40
N ARG B 186 -1.26 20.70 19.60
CA ARG B 186 -1.91 21.12 20.87
C ARG B 186 -2.44 22.57 20.92
N GLU B 187 -1.75 23.47 20.25
CA GLU B 187 -2.16 24.86 20.15
C GLU B 187 -3.52 24.98 19.51
N GLU B 188 -3.82 24.06 18.59
CA GLU B 188 -5.14 23.98 17.97
C GLU B 188 -6.12 23.31 18.92
N PHE B 189 -5.75 22.13 19.42
CA PHE B 189 -6.59 21.35 20.33
C PHE B 189 -6.99 22.12 21.60
N GLU B 190 -6.15 23.07 22.00
CA GLU B 190 -6.41 23.81 23.21
C GLU B 190 -7.22 25.05 22.92
N ASP B 191 -7.34 25.41 21.65
CA ASP B 191 -8.20 26.53 21.26
C ASP B 191 -9.66 26.23 21.61
N PRO B 192 -10.32 27.21 22.25
CA PRO B 192 -11.76 27.13 22.47
C PRO B 192 -12.52 26.91 21.15
N ASP B 193 -12.04 27.51 20.05
CA ASP B 193 -12.70 27.42 18.74
C ASP B 193 -12.59 26.07 18.05
N PHE B 194 -11.68 25.24 18.53
CA PHE B 194 -11.48 23.90 17.96
C PHE B 194 -12.76 23.07 17.93
N ARG B 195 -13.58 23.17 18.96
CA ARG B 195 -14.83 22.40 19.02
C ARG B 195 -15.93 22.97 18.10
N LYS B 196 -15.71 24.16 17.54
CA LYS B 196 -16.67 24.77 16.61
C LYS B 196 -16.63 24.15 15.20
N VAL B 197 -15.75 23.18 15.03
CA VAL B 197 -15.67 22.40 13.80
C VAL B 197 -15.82 20.95 14.17
N SER B 198 -16.45 20.21 13.27
CA SER B 198 -16.59 18.77 13.44
C SER B 198 -15.35 18.06 12.90
N PHE B 199 -14.60 17.42 13.79
CA PHE B 199 -13.41 16.69 13.36
C PHE B 199 -13.64 15.21 13.60
N ILE B 200 -13.48 14.42 12.55
CA ILE B 200 -13.67 13.00 12.70
C ILE B 200 -12.36 12.29 12.40
N SER B 201 -11.88 11.58 13.42
CA SER B 201 -10.61 10.90 13.37
C SER B 201 -10.64 9.69 12.43
N SER B 202 -9.53 9.42 11.75
CA SER B 202 -9.44 8.21 10.95
C SER B 202 -9.71 6.95 11.78
N PHE B 203 -9.47 7.04 13.08
CA PHE B 203 -9.78 5.96 14.03
C PHE B 203 -11.27 5.79 14.27
N ASP B 204 -11.99 6.91 14.42
CA ASP B 204 -13.46 6.92 14.38
C ASP B 204 -14.00 6.12 13.19
N VAL B 205 -13.55 6.48 12.00
CA VAL B 205 -14.00 5.83 10.78
C VAL B 205 -13.71 4.33 10.83
N LYS B 206 -12.48 3.97 11.17
CA LYS B 206 -12.04 2.59 11.12
C LYS B 206 -12.87 1.78 12.14
N LYS B 207 -13.32 2.45 13.21
CA LYS B 207 -14.23 1.83 14.19
C LYS B 207 -15.75 1.79 13.84
N ASN B 208 -16.31 2.89 13.34
CA ASN B 208 -17.75 2.99 13.14
C ASN B 208 -18.17 2.92 11.69
N GLY B 209 -17.23 2.70 10.78
CA GLY B 209 -17.54 2.81 9.36
C GLY B 209 -17.68 4.27 8.95
N ILE B 210 -17.45 4.52 7.65
CA ILE B 210 -17.52 5.87 7.10
C ILE B 210 -18.97 6.32 6.96
N ASP B 211 -19.84 5.39 6.58
CA ASP B 211 -21.28 5.69 6.39
C ASP B 211 -21.93 6.50 7.51
N LYS B 212 -21.71 6.10 8.77
CA LYS B 212 -22.21 6.86 9.91
C LYS B 212 -22.00 8.35 9.70
N TYR B 213 -20.74 8.76 9.56
CA TYR B 213 -20.35 10.17 9.39
C TYR B 213 -20.85 10.79 8.08
N ILE B 214 -20.99 9.97 7.05
CA ILE B 214 -21.68 10.37 5.81
C ILE B 214 -23.17 10.70 6.04
N GLU B 215 -23.87 9.81 6.77
CA GLU B 215 -25.28 10.02 7.16
C GLU B 215 -25.51 11.34 7.87
N GLU B 216 -24.69 11.65 8.88
CA GLU B 216 -24.83 12.88 9.63
C GLU B 216 -24.83 14.10 8.69
N VAL B 217 -23.76 14.25 7.90
CA VAL B 217 -23.62 15.35 6.91
C VAL B 217 -24.79 15.44 5.93
N ASP B 218 -25.12 14.34 5.27
CA ASP B 218 -26.26 14.32 4.37
C ASP B 218 -27.56 14.87 4.98
N ARG B 219 -27.86 14.51 6.23
CA ARG B 219 -29.07 15.00 6.88
C ARG B 219 -29.01 16.48 7.23
N LYS B 220 -27.87 16.91 7.76
CA LYS B 220 -27.69 18.30 8.20
C LYS B 220 -27.69 19.34 7.09
N SER B 221 -26.94 19.08 6.03
CA SER B 221 -26.64 20.07 4.98
C SER B 221 -27.52 19.92 3.76
N ARG B 222 -27.89 21.05 3.17
CA ARG B 222 -28.69 21.01 1.96
C ARG B 222 -27.78 20.93 0.75
N ARG B 223 -26.69 21.66 0.78
CA ARG B 223 -25.67 21.58 -0.24
C ARG B 223 -24.27 21.43 0.38
N VAL B 224 -23.32 20.93 -0.39
CA VAL B 224 -21.93 20.92 0.09
C VAL B 224 -20.88 21.33 -0.92
N TYR B 225 -19.70 21.61 -0.38
CA TYR B 225 -18.49 21.73 -1.16
C TYR B 225 -17.57 20.67 -0.57
N ILE B 226 -16.92 19.90 -1.44
CA ILE B 226 -16.05 18.81 -1.00
C ILE B 226 -14.61 19.11 -1.30
N SER B 227 -13.81 19.17 -0.25
CA SER B 227 -12.38 19.40 -0.40
C SER B 227 -11.55 18.21 0.09
N VAL B 228 -10.82 17.56 -0.83
CA VAL B 228 -10.06 16.37 -0.50
C VAL B 228 -8.55 16.63 -0.41
N ASP B 229 -8.04 16.67 0.84
CA ASP B 229 -6.62 16.80 1.11
C ASP B 229 -6.10 15.38 1.02
N ASP B 231 -3.73 13.62 1.64
CA ASP B 231 -3.03 12.93 2.75
C ASP B 231 -3.99 12.38 3.85
N GLY B 232 -5.27 12.73 3.78
CA GLY B 232 -6.28 12.05 4.60
C GLY B 232 -6.37 10.55 4.36
N ILE B 233 -5.91 10.12 3.20
CA ILE B 233 -5.92 8.74 2.80
C ILE B 233 -4.68 8.07 3.33
N ASP B 234 -4.73 6.77 3.64
CA ASP B 234 -3.55 6.07 4.18
C ASP B 234 -2.46 5.96 3.12
N PRO B 235 -1.23 6.29 3.49
CA PRO B 235 -0.07 6.26 2.59
C PRO B 235 0.08 5.01 1.71
N ALA B 236 -0.58 3.92 2.07
CA ALA B 236 -0.58 2.73 1.20
C ALA B 236 -1.30 2.97 -0.12
N TYR B 237 -2.27 3.88 -0.12
CA TYR B 237 -3.11 4.12 -1.30
C TYR B 237 -2.72 5.40 -1.99
N ALA B 238 -2.20 6.35 -1.22
CA ALA B 238 -1.69 7.63 -1.77
C ALA B 238 -0.26 7.88 -1.26
N PRO B 239 0.73 7.12 -1.73
CA PRO B 239 2.12 7.22 -1.26
C PRO B 239 2.78 8.59 -1.45
N ALA B 240 2.26 9.39 -2.36
CA ALA B 240 2.98 10.58 -2.81
C ALA B 240 2.38 11.87 -2.25
N VAL B 241 1.63 11.79 -1.17
CA VAL B 241 1.15 13.01 -0.53
C VAL B 241 2.30 13.82 0.11
N GLY B 242 2.09 15.13 0.24
CA GLY B 242 3.13 16.07 0.71
C GLY B 242 3.51 15.88 2.17
N THR B 243 2.56 15.46 3.00
CA THR B 243 2.82 15.17 4.42
C THR B 243 2.14 13.84 4.85
N PRO B 244 2.84 12.72 4.69
CA PRO B 244 2.21 11.43 4.92
C PRO B 244 1.92 11.23 6.38
N GLU B 245 0.80 10.56 6.66
CA GLU B 245 0.42 10.19 8.04
C GLU B 245 -0.15 8.77 8.07
N PRO B 246 0.58 7.82 8.69
CA PRO B 246 0.09 6.43 8.71
C PRO B 246 -1.23 6.33 9.44
N PHE B 247 -1.88 5.16 9.28
CA PHE B 247 -3.20 4.86 9.92
C PHE B 247 -4.32 5.77 9.36
N GLY B 248 -4.38 5.89 8.04
CA GLY B 248 -5.32 6.81 7.40
C GLY B 248 -6.56 6.09 6.90
N LEU B 249 -7.35 6.79 6.10
CA LEU B 249 -8.59 6.24 5.56
C LEU B 249 -8.29 5.37 4.37
N ALA B 250 -9.23 4.49 4.06
CA ALA B 250 -9.08 3.62 2.88
C ALA B 250 -9.41 4.43 1.64
N ASP B 251 -8.82 4.09 0.52
CA ASP B 251 -9.15 4.78 -0.73
C ASP B 251 -10.65 4.65 -1.01
N THR B 252 -11.19 3.46 -0.79
CA THR B 252 -12.64 3.25 -0.80
C THR B 252 -13.46 4.14 0.15
N ASP B 253 -12.88 4.56 1.28
CA ASP B 253 -13.65 5.39 2.22
C ASP B 253 -13.93 6.75 1.57
N VAL B 254 -12.98 7.27 0.79
CA VAL B 254 -13.13 8.57 0.23
C VAL B 254 -14.07 8.47 -0.94
N ARG B 255 -14.10 7.30 -1.57
CA ARG B 255 -14.91 7.10 -2.76
C ARG B 255 -16.35 7.09 -2.33
N ARG B 256 -16.61 6.41 -1.22
CA ARG B 256 -17.96 6.31 -0.69
C ARG B 256 -18.43 7.68 -0.27
N LEU B 257 -17.55 8.47 0.32
CA LEU B 257 -17.89 9.84 0.69
C LEU B 257 -18.37 10.67 -0.50
N ILE B 258 -17.74 10.45 -1.65
CA ILE B 258 -18.02 11.22 -2.82
C ILE B 258 -19.26 10.69 -3.52
N GLU B 259 -19.27 9.39 -3.78
CA GLU B 259 -20.46 8.67 -4.29
C GLU B 259 -21.74 9.27 -3.66
N ARG B 260 -21.78 9.27 -2.33
CA ARG B 260 -22.94 9.60 -1.54
C ARG B 260 -23.28 11.11 -1.46
N LEU B 261 -22.31 11.97 -1.74
CA LEU B 261 -22.48 13.40 -1.54
C LEU B 261 -22.39 14.29 -2.77
N SER B 262 -22.10 13.72 -3.94
CA SER B 262 -21.78 14.53 -5.12
C SER B 262 -23.05 15.16 -5.72
N TYR B 263 -24.19 14.57 -5.42
CA TYR B 263 -25.46 15.12 -5.86
C TYR B 263 -25.84 16.47 -5.20
N LYS B 264 -25.25 16.76 -4.05
CA LYS B 264 -25.48 18.01 -3.35
C LYS B 264 -24.31 18.96 -3.53
N ALA B 265 -23.28 18.52 -4.25
CA ALA B 265 -22.00 19.23 -4.27
C ALA B 265 -22.04 20.36 -5.27
N VAL B 266 -21.65 21.55 -4.82
CA VAL B 266 -21.59 22.72 -5.69
C VAL B 266 -20.20 22.90 -6.28
N GLY B 267 -19.23 22.27 -5.64
CA GLY B 267 -17.83 22.35 -6.09
C GLY B 267 -16.99 21.25 -5.48
N PHE B 268 -15.85 20.99 -6.08
CA PHE B 268 -14.97 19.91 -5.68
C PHE B 268 -13.50 20.25 -5.89
N ASP B 269 -12.62 19.72 -5.05
CA ASP B 269 -11.19 19.85 -5.28
C ASP B 269 -10.34 18.71 -4.72
N ILE B 270 -9.12 18.59 -5.26
CA ILE B 270 -8.16 17.54 -4.89
C ILE B 270 -6.80 18.20 -4.73
N VAL B 271 -6.13 17.98 -3.61
CA VAL B 271 -4.94 18.75 -3.29
C VAL B 271 -3.92 18.00 -2.44
N GLU B 272 -2.72 18.54 -2.40
CA GLU B 272 -1.67 18.11 -1.46
C GLU B 272 -1.06 16.76 -1.74
N PHE B 273 -0.98 16.36 -3.02
CA PHE B 273 -0.07 15.27 -3.37
C PHE B 273 0.99 15.72 -4.38
N SER B 274 2.10 14.98 -4.45
CA SER B 274 3.22 15.37 -5.26
C SER B 274 3.75 14.25 -6.11
N PRO B 275 3.52 14.35 -7.45
CA PRO B 275 3.84 13.28 -8.46
C PRO B 275 5.32 12.88 -8.48
N LEU B 276 6.22 13.72 -7.96
CA LEU B 276 7.66 13.42 -7.92
C LEU B 276 8.01 12.27 -6.97
N TYR B 277 7.08 12.01 -6.04
CA TYR B 277 7.35 11.03 -4.99
C TYR B 277 6.86 9.62 -5.23
N ASP B 278 6.28 9.34 -6.40
CA ASP B 278 5.98 7.95 -6.78
C ASP B 278 6.00 7.79 -8.29
N ASN B 279 5.56 6.63 -8.77
CA ASN B 279 5.55 6.35 -10.21
C ASN B 279 4.23 6.59 -10.91
N GLY B 280 3.26 7.15 -10.20
CA GLY B 280 2.00 7.51 -10.85
C GLY B 280 0.76 7.01 -10.14
N ASN B 281 0.92 6.11 -9.16
CA ASN B 281 -0.26 5.50 -8.55
C ASN B 281 -1.12 6.51 -7.81
N THR B 282 -0.48 7.55 -7.28
CA THR B 282 -1.22 8.55 -6.49
C THR B 282 -2.06 9.47 -7.40
N SER B 283 -1.47 9.91 -8.51
CA SER B 283 -2.23 10.70 -9.46
C SER B 283 -3.29 9.87 -10.18
N LEU B 285 -5.08 7.49 -8.53
CA LEU B 285 -6.19 7.53 -7.61
C LEU B 285 -6.84 8.91 -7.69
N ALA B 286 -6.03 9.97 -7.74
CA ALA B 286 -6.61 11.31 -7.88
C ALA B 286 -7.54 11.46 -9.12
N ALA B 287 -7.13 10.87 -10.24
CA ALA B 287 -7.94 10.94 -11.44
C ALA B 287 -9.17 10.08 -11.33
N LYS B 288 -9.04 8.93 -10.69
CA LYS B 288 -10.20 8.07 -10.48
C LYS B 288 -11.24 8.75 -9.57
N LEU B 289 -10.79 9.33 -8.48
CA LEU B 289 -11.66 10.12 -7.58
C LEU B 289 -12.42 11.23 -8.31
N LEU B 290 -11.82 11.79 -9.36
CA LEU B 290 -12.50 12.83 -10.13
C LEU B 290 -13.55 12.22 -11.04
N GLN B 291 -13.30 11.01 -11.53
CA GLN B 291 -14.28 10.33 -12.34
C GLN B 291 -15.46 10.02 -11.47
N VAL B 292 -15.15 9.50 -10.28
CA VAL B 292 -16.18 9.09 -9.33
C VAL B 292 -17.12 10.24 -8.96
N PHE B 293 -16.59 11.44 -8.76
CA PHE B 293 -17.43 12.55 -8.44
C PHE B 293 -18.41 12.87 -9.57
N ILE B 294 -17.88 13.04 -10.77
CA ILE B 294 -18.73 13.38 -11.91
C ILE B 294 -19.73 12.27 -12.18
N ALA B 295 -19.24 11.03 -12.30
CA ALA B 295 -20.08 9.90 -12.67
C ALA B 295 -21.21 9.68 -11.68
N SER B 296 -20.90 9.63 -10.40
CA SER B 296 -21.94 9.35 -9.42
C SER B 296 -22.97 10.47 -9.35
N ARG B 297 -22.53 11.69 -9.62
CA ARG B 297 -23.46 12.81 -9.69
C ARG B 297 -24.37 12.71 -10.91
N GLU B 298 -23.83 12.28 -12.05
CA GLU B 298 -24.62 12.12 -13.25
C GLU B 298 -25.62 11.01 -13.08
N LYS B 299 -25.23 9.97 -12.33
CA LYS B 299 -26.12 8.84 -12.02
C LYS B 299 -27.34 9.32 -11.25
N TYR B 300 -27.13 10.32 -10.39
CA TYR B 300 -28.23 10.83 -9.60
C TYR B 300 -29.20 11.58 -10.49
N TYR B 301 -28.67 12.45 -11.35
CA TYR B 301 -29.52 13.26 -12.23
C TYR B 301 -30.13 12.52 -13.40
N LYS B 302 -29.63 11.32 -13.68
CA LYS B 302 -30.24 10.48 -14.69
C LYS B 302 -31.36 9.66 -14.04
N GLU B 303 -31.17 9.31 -12.77
CA GLU B 303 -32.20 8.57 -12.05
C GLU B 303 -33.32 9.47 -11.52
N HIS B 304 -32.96 10.58 -10.87
CA HIS B 304 -33.93 11.40 -10.15
C HIS B 304 -34.19 12.77 -10.79
N ILE B 305 -34.01 12.89 -12.12
CA ILE B 305 -34.29 14.14 -12.88
C ILE B 305 -34.12 14.03 -14.42
N ALA C 13 30.46 32.54 20.10
CA ALA C 13 30.82 31.09 20.25
C ALA C 13 29.76 30.28 21.00
N SER C 14 29.16 30.90 22.01
CA SER C 14 28.07 30.25 22.72
C SER C 14 26.73 30.75 22.15
N GLU C 15 26.77 31.93 21.54
CA GLU C 15 25.63 32.44 20.79
C GLU C 15 25.50 31.66 19.48
N LEU C 16 26.61 31.07 19.00
CA LEU C 16 26.58 30.18 17.86
C LEU C 16 25.90 28.86 18.18
N ARG C 17 26.23 28.24 19.33
CA ARG C 17 25.59 26.98 19.76
C ARG C 17 24.09 27.15 19.92
N SER C 18 23.66 28.39 20.07
CA SER C 18 22.24 28.69 20.17
C SER C 18 21.60 28.88 18.78
N ILE C 19 22.43 29.01 17.76
CA ILE C 19 21.93 29.24 16.40
C ILE C 19 22.06 28.00 15.52
N PHE C 20 23.10 27.20 15.73
CA PHE C 20 23.25 25.93 15.02
C PHE C 20 23.18 24.76 15.95
N SER C 21 22.68 23.65 15.41
CA SER C 21 22.63 22.41 16.16
C SER C 21 22.75 21.26 15.19
N LEU C 22 23.24 20.13 15.65
CA LEU C 22 23.32 18.93 14.85
C LEU C 22 21.99 18.12 14.82
N LYS C 23 21.87 17.29 13.79
CA LYS C 23 20.66 16.51 13.56
C LYS C 23 20.27 15.67 14.79
N LYS C 24 19.04 15.87 15.22
CA LYS C 24 18.52 15.27 16.45
C LYS C 24 17.04 14.98 16.19
N ILE C 25 16.43 14.14 17.02
CA ILE C 25 14.97 14.08 17.09
C ILE C 25 14.46 15.37 17.72
N ALA C 26 13.61 16.09 17.01
CA ALA C 26 13.23 17.47 17.39
C ALA C 26 12.50 17.61 18.74
N ASP C 27 12.05 16.49 19.30
CA ASP C 27 11.41 16.53 20.62
C ASP C 27 12.31 16.00 21.74
N ALA C 28 13.49 15.50 21.38
CA ALA C 28 14.50 15.06 22.36
C ALA C 28 15.35 16.24 22.83
N VAL C 29 14.73 17.12 23.62
CA VAL C 29 15.35 18.35 24.10
C VAL C 29 16.11 18.17 25.44
N ASN C 30 15.95 17.00 26.07
CA ASN C 30 16.64 16.68 27.33
C ASN C 30 17.91 15.87 27.16
N GLY C 31 18.94 16.24 27.93
CA GLY C 31 20.15 15.42 28.06
C GLY C 31 19.85 14.14 28.82
N TYR C 32 20.78 13.19 28.77
CA TYR C 32 20.64 11.90 29.45
C TYR C 32 20.12 12.00 30.89
N GLU C 33 20.84 12.74 31.73
CA GLU C 33 20.47 12.87 33.13
C GLU C 33 18.97 13.03 33.30
N GLU C 34 18.42 14.04 32.65
CA GLU C 34 17.01 14.42 32.83
C GLU C 34 15.99 13.70 31.91
N ALA C 35 16.29 12.47 31.50
CA ALA C 35 15.47 11.82 30.49
C ALA C 35 14.80 10.58 31.04
N LYS C 36 13.62 10.26 30.48
CA LYS C 36 12.92 9.04 30.86
C LYS C 36 12.99 8.03 29.71
N TYR C 37 12.94 8.56 28.49
CA TYR C 37 13.11 7.76 27.27
C TYR C 37 14.42 8.14 26.60
N VAL C 38 15.28 7.17 26.39
CA VAL C 38 16.57 7.44 25.79
C VAL C 38 16.58 6.83 24.40
N VAL C 39 16.74 7.69 23.40
CA VAL C 39 16.76 7.26 22.00
C VAL C 39 18.19 7.18 21.46
N PHE C 40 18.57 6.00 21.00
CA PHE C 40 19.90 5.85 20.39
C PHE C 40 19.89 4.95 19.16
N GLY C 41 20.85 5.16 18.26
CA GLY C 41 20.94 4.36 17.05
C GLY C 41 22.09 3.37 16.98
N ILE C 42 21.86 2.24 16.32
CA ILE C 42 22.90 1.26 16.04
C ILE C 42 23.00 0.99 14.53
N PRO C 43 23.94 1.66 13.84
CA PRO C 43 24.04 1.48 12.39
C PRO C 43 24.69 0.16 12.03
N PHE C 44 24.17 -0.95 12.53
CA PHE C 44 24.73 -2.24 12.16
C PHE C 44 23.78 -2.98 11.21
N ASP C 45 24.38 -3.71 10.27
CA ASP C 45 23.75 -4.06 9.00
C ASP C 45 24.35 -5.32 8.42
N ASN C 46 25.45 -5.79 8.99
CA ASN C 46 26.36 -6.66 8.28
C ASN C 46 26.10 -8.18 8.34
N THR C 47 24.85 -8.59 8.38
CA THR C 47 24.48 -10.00 8.26
C THR C 47 23.21 -10.11 7.42
N SER C 48 22.79 -8.98 6.86
CA SER C 48 21.62 -8.92 6.03
C SER C 48 22.03 -9.29 4.61
N SER C 49 21.36 -10.29 4.06
CA SER C 49 21.82 -10.89 2.82
C SER C 49 20.92 -10.55 1.66
N TYR C 50 19.76 -9.95 1.95
CA TYR C 50 18.95 -9.45 0.87
C TYR C 50 19.18 -7.95 0.78
N ARG C 51 18.21 -7.15 1.20
CA ARG C 51 18.34 -5.73 1.02
C ARG C 51 19.22 -5.15 2.12
N ARG C 52 20.09 -4.22 1.72
CA ARG C 52 21.00 -3.57 2.62
C ARG C 52 20.66 -2.11 2.72
N GLY C 53 20.97 -1.48 3.85
CA GLY C 53 20.53 -0.09 4.09
C GLY C 53 20.00 0.15 5.48
N SER C 54 19.54 -0.89 6.19
CA SER C 54 19.22 -0.74 7.64
C SER C 54 20.06 0.34 8.34
N LYS C 55 21.37 0.19 8.22
CA LYS C 55 22.34 1.11 8.73
C LYS C 55 21.92 2.54 8.71
N TYR C 56 21.13 2.96 7.73
CA TYR C 56 20.81 4.39 7.58
C TYR C 56 19.47 4.77 8.21
N ALA C 57 18.79 3.82 8.81
CA ALA C 57 17.40 4.03 9.27
C ALA C 57 17.30 5.02 10.41
N PRO C 58 18.23 4.97 11.39
CA PRO C 58 18.19 5.97 12.46
C PRO C 58 18.19 7.38 11.91
N ASP C 59 19.16 7.68 11.04
CA ASP C 59 19.24 9.01 10.43
C ASP C 59 17.95 9.40 9.77
N SER C 60 17.39 8.45 9.01
CA SER C 60 16.17 8.70 8.28
C SER C 60 14.97 8.91 9.19
N ILE C 61 14.93 8.19 10.30
CA ILE C 61 13.82 8.35 11.23
C ILE C 61 13.84 9.77 11.80
N ARG C 62 15.04 10.27 12.07
CA ARG C 62 15.24 11.65 12.55
C ARG C 62 14.76 12.58 11.48
N GLY C 63 15.06 12.24 10.23
CA GLY C 63 14.61 13.07 9.14
C GLY C 63 13.11 13.11 8.99
N ALA C 64 12.45 11.96 9.09
CA ALA C 64 11.00 11.90 8.99
C ALA C 64 10.35 12.61 10.14
N TYR C 65 10.97 12.52 11.32
CA TYR C 65 10.42 13.12 12.53
C TYR C 65 10.01 14.60 12.36
N VAL C 66 10.70 15.35 11.51
CA VAL C 66 10.37 16.75 11.38
C VAL C 66 8.93 17.01 10.93
N ASN C 67 8.33 16.02 10.24
CA ASN C 67 6.97 16.16 9.69
C ASN C 67 5.89 15.91 10.72
N LEU C 68 6.27 15.28 11.81
CA LEU C 68 5.39 15.04 12.95
C LEU C 68 5.17 16.29 13.83
N GLU C 69 4.02 16.36 14.49
CA GLU C 69 3.73 17.38 15.52
C GLU C 69 4.32 17.01 16.88
N SER C 70 4.59 18.03 17.69
CA SER C 70 5.01 17.84 19.06
C SER C 70 3.90 17.24 19.95
N TYR C 71 2.64 17.49 19.60
CA TYR C 71 1.49 16.99 20.36
C TYR C 71 0.87 15.78 19.66
N GLU C 72 0.89 14.64 20.35
CA GLU C 72 0.17 13.48 19.89
C GLU C 72 -1.33 13.56 20.24
N TYR C 73 -2.15 13.70 19.19
CA TYR C 73 -3.58 13.96 19.36
C TYR C 73 -4.36 12.89 20.15
N SER C 74 -4.08 11.63 19.83
CA SER C 74 -4.84 10.51 20.30
C SER C 74 -4.58 10.14 21.75
N TYR C 75 -3.75 10.92 22.44
CA TYR C 75 -3.40 10.62 23.82
C TYR C 75 -3.27 11.87 24.68
N GLY C 76 -3.60 13.03 24.14
CA GLY C 76 -3.48 14.30 24.88
C GLY C 76 -2.13 14.54 25.54
N ILE C 77 -1.11 13.84 25.04
CA ILE C 77 0.27 13.93 25.56
C ILE C 77 1.12 14.89 24.73
N ASP C 78 1.82 15.79 25.40
CA ASP C 78 2.79 16.65 24.72
C ASP C 78 4.21 16.09 24.86
N LEU C 79 4.76 15.66 23.72
CA LEU C 79 6.06 14.95 23.66
C LEU C 79 7.25 15.81 24.02
N LEU C 80 7.12 17.11 23.80
CA LEU C 80 8.12 18.07 24.25
C LEU C 80 8.29 18.11 25.75
N ALA C 81 7.44 17.43 26.49
CA ALA C 81 7.56 17.40 27.93
C ALA C 81 7.43 15.96 28.42
N SER C 82 7.92 15.02 27.62
CA SER C 82 7.88 13.61 27.97
C SER C 82 9.22 13.06 28.44
N GLY C 83 10.22 13.95 28.55
CA GLY C 83 11.57 13.54 28.92
C GLY C 83 12.22 12.59 27.92
N ALA C 85 15.38 11.89 25.02
CA ALA C 85 16.78 12.16 24.80
C ALA C 85 17.22 11.49 23.50
N ASP C 86 18.13 12.14 22.77
CA ASP C 86 18.73 11.58 21.50
C ASP C 86 20.26 11.64 21.49
N LEU C 87 20.87 10.47 21.55
CA LEU C 87 22.29 10.36 21.75
C LEU C 87 23.05 10.16 20.45
N GLY C 88 22.35 10.00 19.34
CA GLY C 88 23.02 9.86 18.09
C GLY C 88 23.34 8.41 17.84
N ASP C 89 24.38 8.16 17.06
CA ASP C 89 24.75 6.79 16.66
C ASP C 89 26.08 6.34 17.23
N GLU C 91 29.60 4.34 16.55
CA GLU C 91 30.45 4.05 15.40
C GLU C 91 30.06 2.78 14.67
N GLU C 92 30.09 2.82 13.35
CA GLU C 92 29.87 1.63 12.55
C GLU C 92 30.90 0.53 12.84
N SER C 93 30.45 -0.72 12.77
CA SER C 93 31.33 -1.85 12.91
C SER C 93 30.87 -2.98 12.01
N GLU C 94 31.78 -3.88 11.64
CA GLU C 94 31.40 -5.10 10.92
C GLU C 94 31.26 -6.33 11.81
N ASP C 95 31.66 -6.18 13.07
CA ASP C 95 31.63 -7.27 14.06
C ASP C 95 30.29 -7.37 14.83
N VAL C 96 29.56 -8.45 14.57
CA VAL C 96 28.28 -8.74 15.25
C VAL C 96 28.44 -8.86 16.76
N GLU C 97 29.32 -9.78 17.18
CA GLU C 97 29.53 -10.04 18.60
C GLU C 97 29.80 -8.76 19.35
N TYR C 98 30.75 -7.99 18.84
CA TYR C 98 31.15 -6.73 19.43
C TYR C 98 29.99 -5.71 19.52
N VAL C 99 29.22 -5.61 18.46
CA VAL C 99 28.03 -4.75 18.43
C VAL C 99 27.06 -5.20 19.52
N ILE C 100 26.80 -6.49 19.58
CA ILE C 100 25.91 -7.03 20.57
C ILE C 100 26.41 -6.76 22.00
N ASP C 101 27.70 -6.99 22.23
CA ASP C 101 28.33 -6.72 23.53
C ASP C 101 28.06 -5.28 23.99
N THR C 102 28.24 -4.31 23.07
CA THR C 102 28.05 -2.90 23.33
C THR C 102 26.61 -2.59 23.65
N VAL C 103 25.71 -3.21 22.89
CA VAL C 103 24.27 -3.04 23.09
C VAL C 103 23.88 -3.52 24.50
N GLU C 104 24.35 -4.72 24.82
CA GLU C 104 24.16 -5.28 26.14
C GLU C 104 24.51 -4.29 27.25
N SER C 105 25.61 -3.58 27.07
CA SER C 105 26.09 -2.64 28.06
C SER C 105 25.21 -1.41 28.14
N VAL C 106 24.88 -0.85 26.98
CA VAL C 106 24.11 0.38 26.94
C VAL C 106 22.73 0.14 27.50
N VAL C 107 22.15 -0.98 27.10
CA VAL C 107 20.82 -1.36 27.54
C VAL C 107 20.75 -1.55 29.07
N SER C 108 21.64 -2.39 29.62
CA SER C 108 21.78 -2.59 31.08
C SER C 108 21.90 -1.27 31.81
N ALA C 109 22.82 -0.43 31.35
CA ALA C 109 23.10 0.85 32.00
C ALA C 109 21.87 1.71 32.06
N VAL C 110 21.12 1.72 30.95
CA VAL C 110 19.97 2.61 30.83
C VAL C 110 18.78 2.15 31.69
N SER C 112 19.00 0.23 34.40
CA SER C 112 19.53 0.45 35.75
C SER C 112 19.22 1.86 36.22
N ASP C 113 19.40 2.84 35.35
CA ASP C 113 19.14 4.22 35.70
C ASP C 113 17.65 4.55 35.66
N GLY C 114 16.83 3.50 35.62
CA GLY C 114 15.38 3.68 35.63
C GLY C 114 14.87 4.43 34.42
N LYS C 115 15.62 4.30 33.32
CA LYS C 115 15.27 4.94 32.08
C LYS C 115 14.87 3.89 31.06
N ILE C 116 14.12 4.30 30.04
CA ILE C 116 13.66 3.38 29.00
C ILE C 116 14.39 3.55 27.64
N PRO C 117 15.06 2.47 27.17
CA PRO C 117 15.86 2.50 25.96
C PRO C 117 15.01 2.31 24.70
N ILE C 118 14.94 3.35 23.88
CA ILE C 118 14.41 3.21 22.55
C ILE C 118 15.58 3.08 21.56
N LEU C 120 16.89 2.47 17.98
CA LEU C 120 16.67 2.50 16.56
C LEU C 120 17.87 1.81 15.90
N GLY C 121 17.64 0.67 15.29
CA GLY C 121 18.76 -0.01 14.72
C GLY C 121 18.72 -0.09 13.21
N GLY C 122 19.59 -0.96 12.70
CA GLY C 122 19.51 -1.52 11.39
C GLY C 122 18.95 -2.91 11.61
N GLU C 123 19.83 -3.90 11.75
CA GLU C 123 19.37 -5.29 11.75
C GLU C 123 18.68 -5.70 13.05
N HIS C 124 18.06 -6.86 13.01
CA HIS C 124 17.34 -7.38 14.14
C HIS C 124 18.28 -7.99 15.15
N SER C 125 19.51 -8.30 14.70
CA SER C 125 20.47 -9.02 15.52
C SER C 125 20.92 -8.27 16.77
N ILE C 126 20.72 -6.96 16.79
CA ILE C 126 21.09 -6.13 17.94
C ILE C 126 20.18 -6.38 19.16
N THR C 127 19.01 -6.95 18.90
CA THR C 127 18.01 -7.16 19.94
C THR C 127 18.53 -8.17 20.94
N VAL C 128 19.45 -9.03 20.49
CA VAL C 128 20.09 -10.05 21.32
C VAL C 128 20.74 -9.43 22.56
N GLY C 129 21.54 -8.39 22.34
CA GLY C 129 22.14 -7.61 23.42
C GLY C 129 21.13 -7.11 24.42
N ALA C 130 20.00 -6.60 23.96
CA ALA C 130 18.96 -6.20 24.88
C ALA C 130 18.40 -7.39 25.68
N VAL C 131 18.29 -8.55 25.02
CA VAL C 131 17.74 -9.77 25.64
C VAL C 131 18.64 -10.25 26.78
N ARG C 132 19.95 -10.10 26.60
CA ARG C 132 20.93 -10.49 27.61
C ARG C 132 20.74 -9.76 28.92
N ALA C 133 20.35 -8.49 28.83
CA ALA C 133 20.19 -7.61 29.98
C ALA C 133 18.81 -7.65 30.63
N LEU C 134 18.08 -8.75 30.47
CA LEU C 134 16.70 -8.76 30.95
C LEU C 134 16.48 -9.61 32.22
N PRO C 135 15.82 -9.03 33.25
CA PRO C 135 15.38 -9.67 34.53
C PRO C 135 14.32 -10.76 34.38
N LYS C 136 14.38 -11.72 35.30
CA LYS C 136 13.62 -12.96 35.23
C LYS C 136 12.14 -12.76 34.99
N ASP C 137 11.66 -11.52 35.18
CA ASP C 137 10.21 -11.26 35.08
C ASP C 137 9.78 -10.42 33.86
N VAL C 138 10.69 -10.30 32.89
CA VAL C 138 10.34 -9.59 31.68
C VAL C 138 10.29 -10.60 30.55
N ASP C 139 9.15 -10.66 29.89
CA ASP C 139 9.01 -11.46 28.67
C ASP C 139 9.30 -10.65 27.41
N LEU C 140 9.64 -11.36 26.34
CA LEU C 140 9.99 -10.75 25.07
C LEU C 140 8.82 -10.80 24.11
N VAL C 141 8.47 -9.63 23.55
CA VAL C 141 7.41 -9.53 22.54
C VAL C 141 7.94 -9.00 21.20
N ILE C 142 7.81 -9.82 20.15
CA ILE C 142 8.38 -9.56 18.83
C ILE C 142 7.30 -9.48 17.75
N VAL C 143 7.35 -8.45 16.90
CA VAL C 143 6.63 -8.42 15.63
C VAL C 143 7.60 -8.83 14.55
N ASP C 144 7.24 -9.81 13.73
CA ASP C 144 8.13 -10.30 12.70
C ASP C 144 7.42 -11.21 11.70
N ALA C 145 7.84 -11.16 10.45
CA ALA C 145 7.38 -12.09 9.40
C ALA C 145 8.05 -13.47 9.40
N HIS C 146 9.23 -13.57 9.99
CA HIS C 146 9.97 -14.82 10.02
C HIS C 146 10.16 -15.29 11.43
N SER C 147 10.32 -16.60 11.60
CA SER C 147 10.53 -17.17 12.93
C SER C 147 11.90 -16.85 13.50
N ASP C 148 12.87 -16.55 12.63
CA ASP C 148 14.25 -16.21 13.03
C ASP C 148 14.79 -17.27 13.99
N PHE C 149 14.58 -18.55 13.68
CA PHE C 149 14.86 -19.62 14.62
C PHE C 149 15.98 -20.59 14.24
N ARG C 150 16.71 -20.24 13.17
CA ARG C 150 17.92 -21.00 12.80
C ARG C 150 18.93 -21.12 13.96
N SER C 151 19.47 -22.32 14.13
CA SER C 151 20.61 -22.56 15.03
C SER C 151 21.82 -21.68 14.62
N SER C 152 21.95 -21.45 13.30
CA SER C 152 23.07 -20.70 12.71
C SER C 152 22.81 -20.43 11.22
N TYR C 153 23.23 -19.26 10.75
CA TYR C 153 23.04 -18.93 9.35
C TYR C 153 24.27 -18.23 8.79
N GLY C 155 27.49 -19.35 8.35
CA GLY C 155 28.62 -19.42 9.29
C GLY C 155 28.55 -18.44 10.46
N ASN C 156 27.36 -18.26 11.05
CA ASN C 156 27.21 -17.39 12.22
C ASN C 156 25.93 -17.55 13.02
N LYS C 157 26.10 -17.72 14.33
CA LYS C 157 24.98 -17.97 15.26
C LYS C 157 24.34 -16.67 15.72
N TYR C 158 24.98 -15.55 15.40
CA TYR C 158 24.38 -14.25 15.61
C TYR C 158 23.92 -13.58 14.31
N ASN C 159 23.76 -14.37 13.26
CA ASN C 159 23.03 -13.89 12.08
C ASN C 159 21.62 -13.46 12.50
N HIS C 160 21.10 -12.42 11.84
CA HIS C 160 19.77 -11.91 12.19
C HIS C 160 18.62 -12.90 11.91
N ALA C 161 18.90 -13.95 11.14
CA ALA C 161 17.97 -15.10 10.96
C ALA C 161 17.90 -16.05 12.20
N CYS C 162 18.62 -15.68 13.26
CA CYS C 162 18.77 -16.51 14.44
C CYS C 162 18.30 -15.80 15.70
N VAL C 163 17.99 -14.51 15.61
CA VAL C 163 17.65 -13.73 16.80
C VAL C 163 16.66 -14.37 17.77
N THR C 164 15.80 -15.26 17.28
CA THR C 164 14.86 -15.91 18.17
C THR C 164 15.48 -17.12 18.86
N ARG C 165 16.27 -17.91 18.12
CA ARG C 165 17.04 -19.00 18.74
C ARG C 165 17.85 -18.45 19.93
N ARG C 166 18.63 -17.40 19.64
CA ARG C 166 19.43 -16.73 20.64
C ARG C 166 18.59 -16.22 21.80
N ALA C 167 17.40 -15.71 21.51
CA ALA C 167 16.53 -15.28 22.58
C ALA C 167 16.17 -16.46 23.49
N LEU C 168 15.87 -17.60 22.87
CA LEU C 168 15.47 -18.78 23.62
C LEU C 168 16.55 -19.21 24.60
N ASP C 169 17.78 -19.36 24.11
CA ASP C 169 18.90 -19.79 24.96
C ASP C 169 18.98 -18.94 26.20
N LEU C 170 18.71 -17.65 26.05
CA LEU C 170 18.82 -16.74 27.16
C LEU C 170 17.65 -16.77 28.13
N LEU C 171 16.47 -17.20 27.65
CA LEU C 171 15.22 -16.95 28.36
C LEU C 171 14.34 -18.15 28.69
N GLY C 172 14.51 -19.24 27.94
CA GLY C 172 13.76 -20.48 28.20
C GLY C 172 12.29 -20.43 27.87
N GLU C 173 11.64 -21.60 27.93
CA GLU C 173 10.23 -21.72 27.56
C GLU C 173 9.28 -20.73 28.22
N GLY C 174 8.29 -20.28 27.45
CA GLY C 174 7.14 -19.54 27.97
C GLY C 174 7.42 -18.11 28.31
N ARG C 175 8.33 -17.49 27.57
CA ARG C 175 8.77 -16.13 27.82
C ARG C 175 8.78 -15.32 26.53
N ILE C 176 8.71 -16.01 25.40
CA ILE C 176 8.81 -15.34 24.11
C ILE C 176 7.60 -15.57 23.19
N THR C 177 7.00 -14.46 22.76
CA THR C 177 5.94 -14.49 21.75
C THR C 177 6.29 -13.64 20.50
N SER C 178 6.10 -14.21 19.32
CA SER C 178 6.32 -13.51 18.06
C SER C 178 5.09 -13.55 17.12
N ILE C 179 4.65 -12.36 16.73
CA ILE C 179 3.42 -12.16 15.97
C ILE C 179 3.66 -11.63 14.53
N GLY C 180 2.89 -12.17 13.60
CA GLY C 180 3.00 -11.79 12.20
C GLY C 180 3.71 -12.84 11.36
N ILE C 181 4.20 -13.89 12.00
CA ILE C 181 5.08 -14.84 11.32
C ILE C 181 4.38 -15.62 10.20
N ARG C 182 5.01 -15.62 9.02
CA ARG C 182 4.45 -16.29 7.82
C ARG C 182 5.55 -16.97 7.00
N SER C 183 6.80 -16.86 7.45
CA SER C 183 7.94 -17.40 6.71
C SER C 183 8.80 -18.22 7.64
N VAL C 184 8.78 -19.54 7.44
CA VAL C 184 9.57 -20.41 8.28
C VAL C 184 10.29 -21.45 7.42
N SER C 185 11.60 -21.54 7.62
CA SER C 185 12.42 -22.62 7.11
C SER C 185 12.00 -23.94 7.77
N ARG C 186 12.14 -25.07 7.07
CA ARG C 186 11.76 -26.37 7.64
C ARG C 186 12.63 -26.83 8.84
N GLU C 187 13.94 -26.55 8.78
CA GLU C 187 14.87 -26.88 9.85
C GLU C 187 14.35 -26.36 11.19
N GLU C 188 13.76 -25.15 11.15
CA GLU C 188 13.21 -24.56 12.36
C GLU C 188 11.91 -25.22 12.77
N PHE C 189 11.08 -25.57 11.79
CA PHE C 189 9.81 -26.18 12.13
C PHE C 189 10.03 -27.54 12.78
N GLU C 190 11.09 -28.22 12.36
CA GLU C 190 11.41 -29.58 12.81
C GLU C 190 12.24 -29.69 14.08
N ASP C 191 13.04 -28.67 14.37
CA ASP C 191 13.73 -28.59 15.64
C ASP C 191 12.69 -28.71 16.78
N PRO C 192 12.92 -29.65 17.71
CA PRO C 192 12.12 -29.93 18.92
C PRO C 192 11.78 -28.69 19.77
N ASP C 193 12.70 -27.73 19.81
CA ASP C 193 12.54 -26.57 20.66
C ASP C 193 11.65 -25.47 20.09
N PHE C 194 11.24 -25.66 18.84
CA PHE C 194 10.41 -24.69 18.16
C PHE C 194 9.17 -24.34 19.00
N ARG C 195 8.50 -25.37 19.54
CA ARG C 195 7.24 -25.21 20.28
C ARG C 195 7.39 -24.46 21.61
N LYS C 196 8.63 -24.38 22.10
CA LYS C 196 8.88 -23.61 23.31
C LYS C 196 8.74 -22.08 23.14
N VAL C 197 8.30 -21.65 21.95
CA VAL C 197 8.01 -20.24 21.66
C VAL C 197 6.62 -20.06 21.05
N SER C 198 5.89 -19.06 21.54
CA SER C 198 4.53 -18.82 21.11
C SER C 198 4.52 -18.10 19.78
N PHE C 199 4.46 -18.86 18.68
CA PHE C 199 4.55 -18.31 17.32
C PHE C 199 3.20 -18.03 16.70
N ILE C 200 2.88 -16.75 16.50
CA ILE C 200 1.57 -16.36 16.04
C ILE C 200 1.66 -15.90 14.60
N SER C 201 0.93 -16.55 13.71
CA SER C 201 0.87 -16.18 12.31
C SER C 201 0.04 -14.94 12.06
N SER C 202 0.39 -14.21 10.99
CA SER C 202 -0.43 -13.07 10.52
C SER C 202 -1.83 -13.53 10.09
N PHE C 203 -1.91 -14.74 9.54
CA PHE C 203 -3.21 -15.38 9.28
C PHE C 203 -4.08 -15.50 10.54
N ASP C 204 -3.49 -15.95 11.65
CA ASP C 204 -4.20 -16.02 12.92
C ASP C 204 -4.76 -14.66 13.32
N VAL C 205 -3.96 -13.61 13.09
CA VAL C 205 -4.32 -12.23 13.45
C VAL C 205 -5.43 -11.68 12.56
N LYS C 206 -5.37 -11.98 11.26
CA LYS C 206 -6.35 -11.41 10.35
C LYS C 206 -7.69 -12.09 10.63
N LYS C 207 -7.61 -13.37 10.96
CA LYS C 207 -8.78 -14.13 11.34
C LYS C 207 -9.36 -13.76 12.76
N ASN C 208 -8.56 -13.92 13.81
CA ASN C 208 -9.07 -13.80 15.18
C ASN C 208 -8.89 -12.42 15.74
N GLY C 209 -8.33 -11.52 14.94
CA GLY C 209 -7.99 -10.19 15.40
C GLY C 209 -6.65 -10.22 16.11
N ILE C 210 -6.20 -9.03 16.52
CA ILE C 210 -4.92 -8.88 17.20
C ILE C 210 -5.13 -8.87 18.72
N ASP C 211 -6.25 -8.30 19.18
CA ASP C 211 -6.53 -8.13 20.60
C ASP C 211 -6.45 -9.46 21.36
N LYS C 212 -6.79 -10.55 20.68
CA LYS C 212 -6.74 -11.90 21.28
C LYS C 212 -5.35 -12.29 21.74
N TYR C 213 -4.37 -11.95 20.94
CA TYR C 213 -3.01 -12.32 21.22
C TYR C 213 -2.37 -11.32 22.18
N ILE C 214 -2.97 -10.14 22.25
CA ILE C 214 -2.51 -9.09 23.13
C ILE C 214 -2.91 -9.44 24.56
N GLU C 215 -4.17 -9.86 24.72
CA GLU C 215 -4.71 -10.33 26.00
C GLU C 215 -3.86 -11.45 26.58
N GLU C 216 -3.50 -12.42 25.73
CA GLU C 216 -2.63 -13.56 26.08
C GLU C 216 -1.27 -13.14 26.71
N VAL C 217 -0.78 -11.96 26.33
CA VAL C 217 0.47 -11.42 26.85
C VAL C 217 0.23 -10.51 28.05
N ASP C 218 -0.71 -9.58 27.96
CA ASP C 218 -1.00 -8.70 29.09
C ASP C 218 -1.29 -9.49 30.39
N ARG C 219 -1.94 -10.65 30.25
CA ARG C 219 -2.20 -11.52 31.39
C ARG C 219 -0.93 -12.19 31.90
N LYS C 220 -0.31 -13.01 31.06
CA LYS C 220 0.81 -13.88 31.45
C LYS C 220 2.15 -13.20 31.79
N SER C 221 2.21 -11.86 31.70
CA SER C 221 3.48 -11.17 31.86
C SER C 221 3.41 -9.88 32.66
N ARG C 222 4.27 -9.78 33.67
CA ARG C 222 4.32 -8.61 34.53
C ARG C 222 4.90 -7.43 33.78
N ARG C 223 5.97 -7.69 33.03
CA ARG C 223 6.74 -6.67 32.30
C ARG C 223 7.21 -7.21 30.94
N VAL C 224 7.51 -6.31 29.99
CA VAL C 224 7.94 -6.73 28.64
C VAL C 224 9.00 -5.86 27.97
N TYR C 225 9.57 -6.47 26.92
CA TYR C 225 10.44 -5.80 25.96
C TYR C 225 9.80 -5.98 24.59
N ILE C 226 9.61 -4.88 23.86
CA ILE C 226 9.00 -4.91 22.54
C ILE C 226 10.03 -4.72 21.41
N SER C 227 10.12 -5.72 20.55
CA SER C 227 10.97 -5.61 19.37
C SER C 227 10.17 -5.66 18.06
N VAL C 228 10.27 -4.60 17.27
CA VAL C 228 9.55 -4.50 16.01
C VAL C 228 10.46 -4.75 14.80
N ASP C 229 10.47 -5.97 14.31
CA ASP C 229 11.10 -6.22 13.05
C ASP C 229 10.04 -5.79 12.09
N ASP C 231 9.42 -5.83 9.00
CA ASP C 231 8.77 -6.68 7.97
C ASP C 231 7.57 -7.52 8.44
N GLY C 232 7.27 -7.48 9.74
CA GLY C 232 6.12 -8.17 10.24
C GLY C 232 4.94 -7.48 9.62
N ILE C 233 5.13 -6.20 9.34
CA ILE C 233 4.08 -5.41 8.74
C ILE C 233 4.03 -5.66 7.25
N ASP C 234 2.83 -5.77 6.68
CA ASP C 234 2.66 -6.01 5.28
C ASP C 234 3.33 -4.94 4.41
N PRO C 235 4.01 -5.37 3.31
CA PRO C 235 4.74 -4.46 2.40
C PRO C 235 3.92 -3.27 1.88
N ALA C 236 2.59 -3.39 1.93
CA ALA C 236 1.71 -2.23 1.69
C ALA C 236 2.01 -1.03 2.58
N TYR C 237 2.39 -1.30 3.83
CA TYR C 237 2.64 -0.24 4.82
C TYR C 237 4.13 0.01 5.12
N ALA C 238 4.96 -1.02 5.01
CA ALA C 238 6.41 -0.89 5.18
C ALA C 238 7.07 -1.52 3.97
N PRO C 239 6.99 -0.86 2.81
CA PRO C 239 7.61 -1.36 1.55
C PRO C 239 9.13 -1.38 1.58
N ALA C 240 9.73 -0.57 2.47
CA ALA C 240 11.18 -0.40 2.55
C ALA C 240 11.88 -1.44 3.43
N VAL C 241 11.18 -2.50 3.82
CA VAL C 241 11.84 -3.45 4.71
C VAL C 241 12.89 -4.29 4.01
N GLY C 242 13.86 -4.78 4.77
CA GLY C 242 14.97 -5.60 4.23
C GLY C 242 14.53 -6.90 3.56
N THR C 243 13.53 -7.58 4.14
CA THR C 243 13.03 -8.78 3.51
C THR C 243 11.48 -8.86 3.40
N PRO C 244 10.92 -8.31 2.30
CA PRO C 244 9.45 -8.21 2.22
C PRO C 244 8.80 -9.61 2.19
N GLU C 245 7.66 -9.72 2.86
CA GLU C 245 6.85 -10.94 2.84
C GLU C 245 5.38 -10.56 2.79
N PRO C 246 4.68 -10.91 1.70
CA PRO C 246 3.28 -10.52 1.57
C PRO C 246 2.34 -11.21 2.59
N PHE C 247 1.11 -10.70 2.69
CA PHE C 247 0.08 -11.25 3.58
C PHE C 247 0.38 -10.97 5.04
N GLY C 248 0.71 -9.73 5.37
CA GLY C 248 1.20 -9.40 6.70
C GLY C 248 0.23 -8.61 7.53
N LEU C 249 0.71 -8.13 8.67
CA LEU C 249 -0.10 -7.33 9.60
C LEU C 249 -0.35 -5.94 9.03
N ALA C 250 -1.41 -5.35 9.54
CA ALA C 250 -1.64 -3.96 9.28
C ALA C 250 -0.78 -3.16 10.26
N ASP C 251 -0.24 -2.03 9.81
CA ASP C 251 0.34 -1.02 10.72
C ASP C 251 -0.52 -0.70 11.98
N THR C 252 -1.84 -0.85 11.86
CA THR C 252 -2.71 -0.57 12.99
C THR C 252 -2.73 -1.71 13.98
N ASP C 253 -2.34 -2.89 13.54
CA ASP C 253 -2.25 -4.03 14.44
C ASP C 253 -1.07 -3.84 15.39
N VAL C 254 -0.01 -3.23 14.87
CA VAL C 254 1.21 -3.03 15.64
C VAL C 254 1.01 -1.85 16.56
N ARG C 255 0.47 -0.75 16.04
CA ARG C 255 0.07 0.37 16.87
C ARG C 255 -0.74 -0.09 18.09
N ARG C 256 -1.73 -0.96 17.87
CA ARG C 256 -2.58 -1.51 18.91
C ARG C 256 -1.79 -2.23 19.99
N LEU C 257 -0.91 -3.16 19.57
CA LEU C 257 -0.02 -3.87 20.50
C LEU C 257 0.80 -2.92 21.37
N ILE C 258 1.43 -1.94 20.74
CA ILE C 258 2.21 -0.93 21.44
C ILE C 258 1.30 -0.17 22.39
N GLU C 259 0.19 0.34 21.87
CA GLU C 259 -0.81 1.05 22.66
C GLU C 259 -1.11 0.28 23.93
N ARG C 260 -1.13 -1.04 23.82
CA ARG C 260 -1.63 -1.89 24.89
C ARG C 260 -0.58 -2.40 25.86
N LEU C 261 0.66 -2.51 25.42
CA LEU C 261 1.72 -3.04 26.27
C LEU C 261 2.72 -1.99 26.72
N SER C 262 2.55 -0.76 26.25
CA SER C 262 3.52 0.33 26.47
C SER C 262 3.79 0.63 27.96
N TYR C 263 2.77 0.40 28.79
CA TYR C 263 2.85 0.66 30.23
C TYR C 263 3.66 -0.38 31.03
N LYS C 264 3.86 -1.56 30.44
CA LYS C 264 4.64 -2.64 31.08
C LYS C 264 6.05 -2.78 30.52
N ALA C 265 6.31 -2.07 29.44
CA ALA C 265 7.53 -2.26 28.68
C ALA C 265 8.73 -1.59 29.35
N VAL C 266 9.85 -2.31 29.33
CA VAL C 266 11.09 -1.78 29.89
C VAL C 266 11.99 -1.18 28.82
N GLY C 267 11.82 -1.63 27.58
CA GLY C 267 12.57 -1.13 26.46
C GLY C 267 11.80 -1.36 25.19
N PHE C 268 12.37 -0.93 24.07
CA PHE C 268 11.67 -0.93 22.79
C PHE C 268 12.69 -0.64 21.70
N ASP C 269 12.71 -1.53 20.71
CA ASP C 269 13.53 -1.32 19.55
C ASP C 269 12.73 -1.40 18.22
N ILE C 270 13.28 -0.84 17.15
CA ILE C 270 12.65 -0.87 15.83
C ILE C 270 13.73 -1.27 14.88
N VAL C 271 13.48 -2.27 14.04
CA VAL C 271 14.55 -2.78 13.18
C VAL C 271 14.13 -3.22 11.77
N GLU C 272 15.12 -3.48 10.92
CA GLU C 272 14.94 -4.18 9.66
C GLU C 272 14.22 -3.43 8.55
N PHE C 273 14.61 -2.19 8.30
CA PHE C 273 14.14 -1.51 7.13
C PHE C 273 15.17 -0.59 6.54
N SER C 274 15.41 -0.71 5.23
CA SER C 274 16.40 0.10 4.54
C SER C 274 15.78 1.33 3.90
N PRO C 275 16.05 2.52 4.44
CA PRO C 275 15.39 3.75 3.91
C PRO C 275 15.64 3.99 2.41
N LEU C 276 16.51 3.22 1.77
CA LEU C 276 16.85 3.47 0.36
C LEU C 276 15.77 2.93 -0.56
N TYR C 277 14.93 2.02 -0.04
CA TYR C 277 13.97 1.31 -0.88
C TYR C 277 12.62 2.00 -1.01
N ASP C 278 12.55 3.22 -0.46
CA ASP C 278 11.35 4.06 -0.63
C ASP C 278 11.67 5.55 -0.53
N ASN C 279 10.63 6.38 -0.42
CA ASN C 279 10.75 7.82 -0.42
C ASN C 279 10.44 8.52 0.90
N GLY C 280 10.37 7.70 1.98
CA GLY C 280 10.18 8.26 3.32
C GLY C 280 9.08 7.59 4.12
N ASN C 281 8.17 6.88 3.46
CA ASN C 281 6.96 6.40 4.14
C ASN C 281 7.21 5.41 5.26
N THR C 282 8.17 4.52 5.05
CA THR C 282 8.46 3.53 6.07
C THR C 282 9.07 4.18 7.30
N SER C 283 9.94 5.14 7.11
CA SER C 283 10.62 5.72 8.25
C SER C 283 9.65 6.67 8.96
N LEU C 285 6.60 5.72 9.34
CA LEU C 285 5.83 4.75 10.09
C LEU C 285 6.63 4.38 11.32
N ALA C 286 7.94 4.23 11.13
CA ALA C 286 8.82 3.98 12.26
C ALA C 286 8.83 5.15 13.23
N ALA C 287 8.75 6.38 12.74
CA ALA C 287 8.77 7.53 13.62
C ALA C 287 7.45 7.64 14.36
N LYS C 288 6.37 7.23 13.71
CA LYS C 288 5.08 7.30 14.35
C LYS C 288 4.93 6.22 15.40
N LEU C 289 5.50 5.04 15.17
CA LEU C 289 5.50 4.00 16.19
C LEU C 289 6.26 4.48 17.43
N LEU C 290 7.29 5.28 17.20
CA LEU C 290 8.07 5.80 18.30
C LEU C 290 7.20 6.71 19.15
N GLN C 291 6.56 7.68 18.50
CA GLN C 291 5.64 8.62 19.13
C GLN C 291 4.45 7.96 19.85
N VAL C 292 4.11 6.75 19.43
CA VAL C 292 3.03 5.98 20.04
C VAL C 292 3.53 5.39 21.35
N PHE C 293 4.66 4.70 21.30
CA PHE C 293 5.24 4.14 22.49
C PHE C 293 5.28 5.16 23.62
N ILE C 294 5.79 6.35 23.34
CA ILE C 294 6.00 7.34 24.38
C ILE C 294 4.71 8.03 24.79
N ALA C 295 3.75 8.19 23.89
CA ALA C 295 2.51 8.84 24.27
C ALA C 295 1.53 7.91 24.98
N SER C 296 1.43 6.65 24.54
CA SER C 296 0.52 5.71 25.15
C SER C 296 1.03 5.44 26.57
N ARG C 297 2.34 5.32 26.75
CA ARG C 297 2.87 5.07 28.08
C ARG C 297 2.58 6.21 29.03
N GLU C 298 2.87 7.44 28.61
CA GLU C 298 2.72 8.58 29.50
C GLU C 298 1.26 8.85 29.86
N LYS C 299 0.41 8.84 28.83
CA LYS C 299 -1.01 8.94 29.04
C LYS C 299 -1.38 8.03 30.19
N TYR C 300 -0.84 6.81 30.16
CA TYR C 300 -1.09 5.86 31.23
C TYR C 300 -0.67 6.41 32.61
N TYR C 301 0.66 6.62 32.80
CA TYR C 301 1.15 7.16 34.10
C TYR C 301 0.78 8.62 34.33
N LYS C 302 -0.41 8.96 33.84
CA LYS C 302 -1.18 10.18 34.34
C LYS C 302 -2.21 9.90 35.48
#